data_8A1L
#
_entry.id   8A1L
#
_cell.length_a   61.756
_cell.length_b   94.772
_cell.length_c   75.745
_cell.angle_alpha   90.000
_cell.angle_beta   92.900
_cell.angle_gamma   90.000
#
_symmetry.space_group_name_H-M   'P 1 21 1'
#
loop_
_entity.id
_entity.type
_entity.pdbx_description
1 polymer 'L,D-transpeptidase 2'
2 non-polymer '(phenylmethyl) N-[(3S,4S)-4-methyl-2-oxidanylidene-hexan-3-yl]carbamate'
3 non-polymer GLYCEROL
4 non-polymer 'DIMETHYL SULFOXIDE'
5 non-polymer 1,2-ETHANEDIOL
6 non-polymer 'SODIUM ION'
7 non-polymer 'CHLORIDE ION'
8 water water
#
_entity_poly.entity_id   1
_entity_poly.type   'polypeptide(L)'
_entity_poly.pdbx_seq_one_letter_code
;QSDLLVPKLTASVTDGAVGVTVDAPVSVTAADGVLAAVTMVNDNGRPVAGRLSPDGLRWSTTEQLGYNRRYTLNATALGL
GGAATRQLTFQTSSPAHLTMPYVMPGDGEVVGVGEPVAIRFDENIADRGAAEKAIKITTNPPVEGAFYWLNNREVRWRPE
HFWKPGTAVDVAVNTYGVDLGEGMFGEDNVQTHFTIGDEVIATADDNTKILTVRVNGEVVKSMPTSMGKDSTPTANGIYI
VGSRYKHIIMDSSTYGVPVNSPNGYRTDVDWATQISYSGVFVHSAPWSVGAQGHTNTSHGCLNVSPSNAQWFYDHVKRGD
IVEVVNTVGGTLPGIDGLGDWNIPWDQWRAGNAKA
;
_entity_poly.pdbx_strand_id   A,B
#
# COMPACT_ATOMS: atom_id res chain seq x y z
N GLN A 1 6.41 9.88 46.57
CA GLN A 1 6.37 8.73 45.67
C GLN A 1 4.91 8.40 45.33
N SER A 2 4.32 7.47 46.09
CA SER A 2 2.94 7.05 45.88
C SER A 2 2.66 6.74 44.41
N ASP A 3 3.51 5.90 43.83
CA ASP A 3 3.42 5.53 42.42
C ASP A 3 3.54 4.03 42.26
N LEU A 4 2.63 3.43 41.48
CA LEU A 4 2.64 2.01 41.16
C LEU A 4 2.26 1.84 39.69
N LEU A 5 2.92 0.91 39.01
CA LEU A 5 2.69 0.69 37.59
C LEU A 5 1.40 -0.10 37.38
N VAL A 6 0.56 0.35 36.46
CA VAL A 6 -0.73 -0.25 36.18
C VAL A 6 -0.67 -0.94 34.82
N PRO A 7 -1.08 -2.21 34.70
CA PRO A 7 -1.04 -2.87 33.38
C PRO A 7 -1.85 -2.12 32.34
N LYS A 8 -1.34 -2.09 31.12
CA LYS A 8 -2.03 -1.50 29.97
C LYS A 8 -2.29 -2.59 28.93
N LEU A 9 -3.39 -2.44 28.20
CA LEU A 9 -3.81 -3.39 27.17
C LEU A 9 -3.98 -2.68 25.84
N THR A 10 -3.47 -3.30 24.77
CA THR A 10 -3.63 -2.77 23.43
C THR A 10 -3.95 -3.92 22.49
N ALA A 11 -4.78 -3.64 21.48
CA ALA A 11 -5.27 -4.67 20.58
C ALA A 11 -5.22 -4.16 19.15
N SER A 12 -5.25 -5.10 18.21
CA SER A 12 -5.21 -4.78 16.79
C SER A 12 -6.56 -4.34 16.24
N VAL A 13 -7.58 -4.23 17.09
CA VAL A 13 -8.89 -3.72 16.71
C VAL A 13 -9.35 -2.77 17.80
N THR A 14 -10.35 -1.96 17.48
CA THR A 14 -10.93 -1.01 18.42
C THR A 14 -12.38 -1.36 18.69
N ASP A 15 -12.84 -1.06 19.89
CA ASP A 15 -14.24 -1.30 20.25
C ASP A 15 -15.14 -0.47 19.33
N GLY A 16 -16.24 -1.09 18.89
CA GLY A 16 -17.16 -0.45 17.98
C GLY A 16 -16.68 -0.37 16.55
N ALA A 17 -15.60 -1.07 16.20
CA ALA A 17 -15.06 -1.00 14.85
C ALA A 17 -15.90 -1.85 13.91
N VAL A 18 -16.07 -1.34 12.68
CA VAL A 18 -16.82 -2.03 11.64
C VAL A 18 -15.94 -2.17 10.40
N GLY A 19 -16.29 -3.14 9.57
CA GLY A 19 -15.53 -3.37 8.34
C GLY A 19 -14.15 -3.95 8.55
N VAL A 20 -13.90 -4.55 9.72
CA VAL A 20 -12.59 -5.14 9.98
C VAL A 20 -12.34 -6.27 8.98
N THR A 21 -11.16 -6.28 8.38
CA THR A 21 -10.81 -7.25 7.36
C THR A 21 -10.27 -8.53 7.99
N VAL A 22 -10.66 -9.67 7.43
CA VAL A 22 -10.26 -10.96 7.96
C VAL A 22 -9.00 -11.46 7.29
N ASP A 23 -8.28 -10.57 6.61
CA ASP A 23 -7.00 -10.93 6.02
C ASP A 23 -5.86 -10.93 7.03
N ALA A 24 -6.13 -10.62 8.29
CA ALA A 24 -5.11 -10.57 9.33
C ALA A 24 -5.68 -11.18 10.60
N PRO A 25 -4.84 -11.77 11.44
CA PRO A 25 -5.30 -12.22 12.76
C PRO A 25 -5.46 -11.07 13.73
N VAL A 26 -6.37 -11.26 14.68
CA VAL A 26 -6.61 -10.29 15.75
C VAL A 26 -5.72 -10.65 16.93
N SER A 27 -5.12 -9.63 17.55
CA SER A 27 -4.18 -9.83 18.63
C SER A 27 -4.50 -8.91 19.80
N VAL A 28 -3.97 -9.29 20.97
CA VAL A 28 -4.04 -8.49 22.19
C VAL A 28 -2.67 -8.55 22.84
N THR A 29 -2.23 -7.40 23.38
CA THR A 29 -0.92 -7.29 23.99
C THR A 29 -1.04 -6.64 25.36
N ALA A 30 -0.17 -7.06 26.27
CA ALA A 30 -0.11 -6.53 27.62
C ALA A 30 1.24 -5.87 27.85
N ALA A 31 1.22 -4.71 28.50
CA ALA A 31 2.42 -3.99 28.88
C ALA A 31 2.36 -3.66 30.36
N ASP A 32 3.52 -3.69 31.01
CA ASP A 32 3.58 -3.53 32.47
C ASP A 32 2.66 -4.53 33.15
N GLY A 33 2.72 -5.78 32.68
CA GLY A 33 1.85 -6.83 33.16
C GLY A 33 1.84 -7.96 32.15
N VAL A 34 1.02 -8.97 32.46
CA VAL A 34 0.88 -10.15 31.62
C VAL A 34 -0.58 -10.50 31.47
N LEU A 35 -0.91 -11.18 30.37
CA LEU A 35 -2.28 -11.58 30.10
C LEU A 35 -2.66 -12.77 30.96
N ALA A 36 -3.63 -12.57 31.87
CA ALA A 36 -4.10 -13.64 32.74
C ALA A 36 -5.31 -14.36 32.18
N ALA A 37 -6.01 -13.75 31.21
CA ALA A 37 -7.19 -14.38 30.62
C ALA A 37 -7.54 -13.64 29.33
N VAL A 38 -7.81 -14.43 28.28
CA VAL A 38 -8.22 -13.87 27.00
C VAL A 38 -9.23 -14.82 26.36
N THR A 39 -10.33 -14.27 25.88
CA THR A 39 -11.35 -15.06 25.19
C THR A 39 -11.95 -14.24 24.07
N MET A 40 -12.48 -14.94 23.07
N MET A 40 -12.42 -14.93 23.05
CA MET A 40 -13.09 -14.29 21.92
CA MET A 40 -13.10 -14.29 21.93
C MET A 40 -14.17 -15.20 21.36
C MET A 40 -14.19 -15.22 21.43
N VAL A 41 -15.38 -14.65 21.19
CA VAL A 41 -16.52 -15.40 20.69
C VAL A 41 -17.18 -14.59 19.59
N ASN A 42 -17.95 -15.28 18.74
CA ASN A 42 -18.72 -14.62 17.71
C ASN A 42 -20.11 -14.27 18.26
N ASP A 43 -20.99 -13.78 17.39
CA ASP A 43 -22.32 -13.36 17.84
C ASP A 43 -23.09 -14.52 18.46
N ASN A 44 -22.81 -15.75 18.05
CA ASN A 44 -23.51 -16.91 18.59
C ASN A 44 -22.87 -17.45 19.86
N GLY A 45 -21.82 -16.82 20.37
CA GLY A 45 -21.13 -17.32 21.54
C GLY A 45 -20.10 -18.39 21.27
N ARG A 46 -19.83 -18.71 20.01
CA ARG A 46 -18.87 -19.76 19.68
C ARG A 46 -17.45 -19.22 19.82
N PRO A 47 -16.57 -19.90 20.56
CA PRO A 47 -15.24 -19.34 20.82
C PRO A 47 -14.32 -19.44 19.62
N VAL A 48 -13.30 -18.57 19.64
CA VAL A 48 -12.30 -18.50 18.58
C VAL A 48 -10.98 -19.02 19.13
N ALA A 49 -10.30 -19.85 18.34
CA ALA A 49 -9.05 -20.44 18.78
C ALA A 49 -7.92 -19.41 18.79
N GLY A 50 -7.09 -19.46 19.82
CA GLY A 50 -5.99 -18.53 19.95
C GLY A 50 -4.81 -19.20 20.63
N ARG A 51 -3.71 -18.45 20.73
CA ARG A 51 -2.48 -18.93 21.32
C ARG A 51 -1.84 -17.81 22.13
N LEU A 52 -1.26 -18.16 23.26
CA LEU A 52 -0.61 -17.22 24.16
C LEU A 52 0.89 -17.48 24.16
N SER A 53 1.66 -16.42 23.92
CA SER A 53 3.12 -16.56 23.92
C SER A 53 3.60 -17.00 25.30
N PRO A 54 4.73 -17.71 25.37
CA PRO A 54 5.23 -18.16 26.69
C PRO A 54 5.39 -17.04 27.71
N ASP A 55 5.80 -15.85 27.27
CA ASP A 55 5.94 -14.73 28.19
C ASP A 55 4.61 -14.09 28.56
N GLY A 56 3.49 -14.61 28.05
CA GLY A 56 2.19 -14.09 28.41
C GLY A 56 1.93 -12.66 27.98
N LEU A 57 2.73 -12.14 27.05
CA LEU A 57 2.59 -10.76 26.61
C LEU A 57 1.75 -10.60 25.35
N ARG A 58 1.54 -11.67 24.58
CA ARG A 58 0.86 -11.57 23.30
C ARG A 58 -0.07 -12.74 23.10
N TRP A 59 -1.32 -12.45 22.77
CA TRP A 59 -2.32 -13.45 22.39
C TRP A 59 -2.80 -13.16 20.98
N SER A 60 -2.97 -14.19 20.18
CA SER A 60 -3.35 -14.03 18.79
C SER A 60 -4.28 -15.15 18.37
N THR A 61 -5.28 -14.81 17.56
CA THR A 61 -6.16 -15.82 16.98
C THR A 61 -5.37 -16.71 16.03
N THR A 62 -5.71 -18.00 16.02
CA THR A 62 -5.01 -19.00 15.23
C THR A 62 -5.85 -19.61 14.12
N GLU A 63 -7.13 -19.26 14.04
CA GLU A 63 -7.98 -19.67 12.94
C GLU A 63 -8.49 -18.43 12.22
N GLN A 64 -8.69 -18.56 10.91
CA GLN A 64 -9.14 -17.42 10.12
C GLN A 64 -10.57 -17.06 10.51
N LEU A 65 -10.84 -15.76 10.57
CA LEU A 65 -12.13 -15.24 10.99
C LEU A 65 -13.08 -15.16 9.82
N GLY A 66 -14.38 -15.20 10.14
CA GLY A 66 -15.42 -15.24 9.12
C GLY A 66 -16.01 -13.88 8.80
N TYR A 67 -16.71 -13.82 7.67
CA TYR A 67 -17.40 -12.62 7.24
C TYR A 67 -18.75 -12.51 7.95
N ASN A 68 -19.27 -11.28 7.98
CA ASN A 68 -20.58 -11.00 8.57
C ASN A 68 -20.69 -11.55 9.99
N ARG A 69 -19.61 -11.39 10.75
CA ARG A 69 -19.55 -11.82 12.13
C ARG A 69 -19.44 -10.61 13.04
N ARG A 70 -19.89 -10.78 14.29
N ARG A 70 -19.90 -10.77 14.28
CA ARG A 70 -19.75 -9.78 15.34
CA ARG A 70 -19.74 -9.78 15.33
C ARG A 70 -19.01 -10.47 16.49
C ARG A 70 -19.00 -10.46 16.48
N TYR A 71 -17.73 -10.16 16.64
CA TYR A 71 -16.88 -10.79 17.62
C TYR A 71 -16.79 -9.95 18.88
N THR A 72 -16.72 -10.61 20.03
CA THR A 72 -16.56 -9.97 21.33
C THR A 72 -15.29 -10.50 21.98
N LEU A 73 -14.41 -9.59 22.39
CA LEU A 73 -13.10 -9.94 22.93
C LEU A 73 -12.99 -9.46 24.36
N ASN A 74 -12.66 -10.38 25.28
CA ASN A 74 -12.41 -10.07 26.67
C ASN A 74 -10.96 -10.38 27.01
N ALA A 75 -10.37 -9.55 27.86
CA ALA A 75 -8.95 -9.71 28.20
C ALA A 75 -8.68 -9.05 29.53
N THR A 76 -7.97 -9.76 30.40
CA THR A 76 -7.55 -9.25 31.70
C THR A 76 -6.03 -9.31 31.79
N ALA A 77 -5.44 -8.26 32.35
CA ALA A 77 -3.99 -8.16 32.50
C ALA A 77 -3.67 -7.93 33.98
N LEU A 78 -2.87 -8.83 34.54
CA LEU A 78 -2.43 -8.72 35.93
C LEU A 78 -0.95 -8.33 35.97
N GLY A 79 -0.59 -7.50 36.94
CA GLY A 79 0.78 -7.05 37.09
C GLY A 79 1.12 -6.87 38.54
N LEU A 80 2.40 -6.63 38.79
CA LEU A 80 2.88 -6.47 40.17
C LEU A 80 2.07 -5.41 40.91
N GLY A 81 1.55 -4.41 40.22
CA GLY A 81 0.80 -3.35 40.86
C GLY A 81 -0.46 -2.94 40.15
N GLY A 82 -1.45 -3.82 40.10
CA GLY A 82 -2.77 -3.49 39.59
C GLY A 82 -3.28 -4.54 38.63
N ALA A 83 -4.43 -4.22 38.03
CA ALA A 83 -5.07 -5.10 37.06
C ALA A 83 -5.92 -4.24 36.13
N ALA A 84 -6.23 -4.80 34.96
CA ALA A 84 -7.00 -4.08 33.96
C ALA A 84 -7.74 -5.07 33.07
N THR A 85 -8.99 -4.74 32.75
CA THR A 85 -9.83 -5.56 31.90
C THR A 85 -10.50 -4.69 30.85
N ARG A 86 -10.67 -5.25 29.64
CA ARG A 86 -11.31 -4.56 28.54
C ARG A 86 -12.21 -5.52 27.78
N GLN A 87 -13.31 -5.01 27.26
CA GLN A 87 -14.22 -5.76 26.40
C GLN A 87 -14.37 -5.00 25.09
N LEU A 88 -14.05 -5.66 23.98
CA LEU A 88 -14.06 -5.04 22.67
C LEU A 88 -14.95 -5.86 21.74
N THR A 89 -15.82 -5.18 21.01
CA THR A 89 -16.71 -5.81 20.04
C THR A 89 -16.57 -5.14 18.70
N PHE A 90 -16.37 -5.94 17.64
CA PHE A 90 -16.13 -5.41 16.30
C PHE A 90 -16.83 -6.28 15.28
N GLN A 91 -17.09 -5.69 14.11
CA GLN A 91 -17.83 -6.31 13.03
C GLN A 91 -16.93 -6.46 11.82
N THR A 92 -16.89 -7.66 11.25
CA THR A 92 -16.03 -7.95 10.12
C THR A 92 -16.70 -7.57 8.80
N SER A 93 -15.92 -7.66 7.72
CA SER A 93 -16.40 -7.26 6.41
C SER A 93 -17.67 -8.01 6.02
N SER A 94 -18.54 -7.32 5.30
CA SER A 94 -19.77 -7.89 4.76
C SER A 94 -19.67 -7.94 3.25
N PRO A 95 -19.18 -9.02 2.67
CA PRO A 95 -19.04 -9.08 1.22
C PRO A 95 -20.40 -9.07 0.53
N ALA A 96 -20.43 -8.51 -0.68
CA ALA A 96 -21.57 -8.66 -1.55
C ALA A 96 -21.54 -10.00 -2.28
N HIS A 97 -20.35 -10.56 -2.48
CA HIS A 97 -20.18 -11.84 -3.17
C HIS A 97 -18.77 -12.31 -2.92
N LEU A 98 -18.56 -13.62 -3.05
CA LEU A 98 -17.25 -14.23 -2.90
C LEU A 98 -16.75 -14.74 -4.25
N THR A 99 -15.44 -14.96 -4.34
CA THR A 99 -14.81 -15.47 -5.55
C THR A 99 -13.67 -16.40 -5.16
N MET A 100 -13.62 -17.57 -5.80
CA MET A 100 -12.61 -18.58 -5.47
C MET A 100 -11.51 -18.56 -6.51
N PRO A 101 -10.24 -18.42 -6.13
CA PRO A 101 -9.16 -18.44 -7.11
C PRO A 101 -8.74 -19.86 -7.44
N TYR A 102 -8.17 -20.02 -8.63
CA TYR A 102 -7.63 -21.29 -9.09
C TYR A 102 -6.28 -21.03 -9.73
N VAL A 103 -5.25 -21.74 -9.27
CA VAL A 103 -3.88 -21.50 -9.70
C VAL A 103 -3.40 -22.70 -10.51
N MET A 104 -2.56 -22.42 -11.50
CA MET A 104 -1.86 -23.43 -12.28
C MET A 104 -0.46 -22.93 -12.57
N PRO A 105 0.51 -23.84 -12.72
CA PRO A 105 0.37 -25.30 -12.70
C PRO A 105 0.12 -25.86 -11.31
N GLY A 106 -0.11 -27.17 -11.24
CA GLY A 106 -0.42 -27.80 -9.98
C GLY A 106 0.76 -27.85 -9.03
N ASP A 107 0.43 -27.93 -7.74
CA ASP A 107 1.46 -27.98 -6.70
C ASP A 107 2.36 -29.20 -6.90
N GLY A 108 3.67 -28.96 -6.85
CA GLY A 108 4.65 -30.01 -6.99
C GLY A 108 5.00 -30.41 -8.40
N GLU A 109 4.45 -29.74 -9.41
CA GLU A 109 4.68 -30.14 -10.79
C GLU A 109 6.04 -29.66 -11.29
N VAL A 110 6.55 -30.36 -12.30
CA VAL A 110 7.75 -29.96 -13.04
C VAL A 110 7.30 -29.55 -14.44
N VAL A 111 7.52 -28.27 -14.77
CA VAL A 111 7.00 -27.70 -16.00
C VAL A 111 8.15 -27.19 -16.86
N GLY A 112 7.82 -26.91 -18.13
CA GLY A 112 8.79 -26.40 -19.08
C GLY A 112 9.12 -24.93 -18.85
N VAL A 113 10.08 -24.45 -19.64
CA VAL A 113 10.62 -23.12 -19.46
C VAL A 113 9.70 -22.01 -19.94
N GLY A 114 8.59 -22.37 -20.58
CA GLY A 114 7.62 -21.39 -21.03
C GLY A 114 6.39 -21.26 -20.15
N GLU A 115 6.35 -21.94 -19.01
CA GLU A 115 5.12 -22.01 -18.22
C GLU A 115 4.95 -20.74 -17.40
N PRO A 116 3.87 -19.98 -17.60
CA PRO A 116 3.58 -18.86 -16.73
C PRO A 116 2.78 -19.29 -15.50
N VAL A 117 2.79 -18.43 -14.49
CA VAL A 117 1.89 -18.58 -13.36
C VAL A 117 0.52 -18.07 -13.76
N ALA A 118 -0.51 -18.86 -13.51
CA ALA A 118 -1.88 -18.51 -13.85
C ALA A 118 -2.73 -18.53 -12.60
N ILE A 119 -3.44 -17.44 -12.34
CA ILE A 119 -4.42 -17.35 -11.27
C ILE A 119 -5.75 -17.03 -11.94
N ARG A 120 -6.69 -17.96 -11.89
CA ARG A 120 -8.01 -17.80 -12.48
C ARG A 120 -9.04 -17.63 -11.37
N PHE A 121 -9.95 -16.67 -11.56
CA PHE A 121 -11.03 -16.42 -10.63
C PHE A 121 -12.35 -16.85 -11.24
N ASP A 122 -13.32 -17.18 -10.38
CA ASP A 122 -14.63 -17.62 -10.82
C ASP A 122 -15.65 -16.48 -10.89
N GLU A 123 -15.20 -15.24 -10.73
CA GLU A 123 -16.05 -14.08 -10.87
C GLU A 123 -15.23 -12.96 -11.49
N ASN A 124 -15.90 -11.91 -11.96
CA ASN A 124 -15.19 -10.76 -12.50
C ASN A 124 -14.48 -10.00 -11.40
N ILE A 125 -13.30 -9.47 -11.72
CA ILE A 125 -12.45 -8.77 -10.77
C ILE A 125 -12.45 -7.29 -11.16
N ALA A 126 -13.17 -6.48 -10.38
CA ALA A 126 -13.26 -5.05 -10.66
C ALA A 126 -12.01 -4.28 -10.26
N ASP A 127 -11.23 -4.80 -9.31
CA ASP A 127 -10.03 -4.13 -8.81
C ASP A 127 -8.82 -5.04 -9.08
N ARG A 128 -8.31 -5.01 -10.30
CA ARG A 128 -7.19 -5.86 -10.67
C ARG A 128 -5.96 -5.53 -9.83
N GLY A 129 -5.73 -4.25 -9.53
CA GLY A 129 -4.57 -3.88 -8.73
C GLY A 129 -4.55 -4.56 -7.38
N ALA A 130 -5.71 -4.61 -6.71
CA ALA A 130 -5.77 -5.30 -5.42
C ALA A 130 -5.48 -6.78 -5.59
N ALA A 131 -5.94 -7.37 -6.70
CA ALA A 131 -5.66 -8.78 -6.94
C ALA A 131 -4.16 -9.03 -7.12
N GLU A 132 -3.48 -8.11 -7.78
CA GLU A 132 -2.03 -8.26 -7.97
C GLU A 132 -1.29 -8.06 -6.66
N LYS A 133 -1.71 -7.08 -5.85
CA LYS A 133 -1.06 -6.84 -4.57
C LYS A 133 -1.16 -8.06 -3.65
N ALA A 134 -2.24 -8.84 -3.77
CA ALA A 134 -2.48 -9.97 -2.89
C ALA A 134 -1.81 -11.26 -3.35
N ILE A 135 -1.17 -11.27 -4.52
CA ILE A 135 -0.54 -12.47 -5.07
C ILE A 135 0.97 -12.32 -4.90
N LYS A 136 1.57 -13.21 -4.11
CA LYS A 136 2.99 -13.17 -3.79
C LYS A 136 3.69 -14.32 -4.49
N ILE A 137 4.67 -14.01 -5.32
CA ILE A 137 5.38 -15.00 -6.13
C ILE A 137 6.85 -14.93 -5.81
N THR A 138 7.42 -16.04 -5.32
CA THR A 138 8.82 -16.12 -4.93
C THR A 138 9.56 -16.99 -5.93
N THR A 139 10.69 -16.49 -6.43
CA THR A 139 11.50 -17.21 -7.42
C THR A 139 12.91 -17.40 -6.90
N ASN A 140 13.48 -18.57 -7.16
CA ASN A 140 14.84 -18.89 -6.76
C ASN A 140 15.53 -19.71 -7.86
N PRO A 141 16.56 -19.16 -8.52
CA PRO A 141 17.14 -17.82 -8.33
C PRO A 141 16.14 -16.71 -8.68
N PRO A 142 16.19 -15.60 -7.96
CA PRO A 142 15.22 -14.53 -8.20
C PRO A 142 15.33 -13.98 -9.62
N VAL A 143 14.17 -13.68 -10.21
CA VAL A 143 14.11 -13.16 -11.57
C VAL A 143 12.93 -12.21 -11.67
N GLU A 144 13.08 -11.18 -12.50
CA GLU A 144 12.03 -10.19 -12.67
C GLU A 144 10.85 -10.79 -13.40
N GLY A 145 9.65 -10.36 -13.02
CA GLY A 145 8.43 -10.74 -13.71
C GLY A 145 7.38 -9.66 -13.55
N ALA A 146 6.24 -9.87 -14.21
CA ALA A 146 5.17 -8.88 -14.19
C ALA A 146 3.84 -9.57 -14.47
N PHE A 147 2.77 -8.90 -14.07
CA PHE A 147 1.41 -9.39 -14.23
C PHE A 147 0.81 -8.86 -15.53
N TYR A 148 -0.10 -9.66 -16.09
CA TYR A 148 -0.85 -9.24 -17.28
C TYR A 148 -2.12 -10.07 -17.35
N TRP A 149 -3.24 -9.42 -17.63
CA TRP A 149 -4.56 -10.04 -17.61
C TRP A 149 -4.96 -10.48 -19.00
N LEU A 150 -5.41 -11.72 -19.13
CA LEU A 150 -5.93 -12.25 -20.38
C LEU A 150 -7.40 -11.93 -20.59
N ASN A 151 -8.17 -11.90 -19.50
CA ASN A 151 -9.58 -11.53 -19.55
C ASN A 151 -9.93 -10.95 -18.18
N ASN A 152 -11.23 -10.88 -17.88
CA ASN A 152 -11.69 -10.26 -16.64
C ASN A 152 -11.55 -11.16 -15.41
N ARG A 153 -11.07 -12.39 -15.57
CA ARG A 153 -11.05 -13.35 -14.48
C ARG A 153 -9.72 -14.07 -14.30
N GLU A 154 -8.79 -13.97 -15.24
CA GLU A 154 -7.54 -14.72 -15.17
C GLU A 154 -6.38 -13.77 -15.43
N VAL A 155 -5.35 -13.86 -14.59
CA VAL A 155 -4.15 -13.04 -14.72
C VAL A 155 -2.95 -13.96 -14.83
N ARG A 156 -1.91 -13.50 -15.52
CA ARG A 156 -0.72 -14.28 -15.77
C ARG A 156 0.51 -13.53 -15.28
N TRP A 157 1.51 -14.29 -14.84
CA TRP A 157 2.77 -13.74 -14.35
C TRP A 157 3.92 -14.54 -14.94
N ARG A 158 4.89 -13.86 -15.55
CA ARG A 158 6.03 -14.53 -16.16
C ARG A 158 7.18 -13.54 -16.25
N PRO A 159 8.41 -14.04 -16.40
CA PRO A 159 9.55 -13.16 -16.61
C PRO A 159 9.64 -12.69 -18.06
N GLU A 160 10.67 -11.88 -18.33
CA GLU A 160 10.89 -11.35 -19.67
C GLU A 160 11.25 -12.47 -20.65
N HIS A 161 12.23 -13.30 -20.27
CA HIS A 161 12.67 -14.41 -21.08
C HIS A 161 12.19 -15.71 -20.46
N PHE A 162 12.29 -16.80 -21.23
CA PHE A 162 11.91 -18.11 -20.74
C PHE A 162 12.58 -18.40 -19.41
N TRP A 163 11.90 -19.17 -18.57
CA TRP A 163 12.47 -19.56 -17.28
C TRP A 163 13.82 -20.23 -17.49
N LYS A 164 14.67 -20.15 -16.47
CA LYS A 164 15.89 -20.93 -16.48
C LYS A 164 15.65 -22.27 -15.80
N PRO A 165 16.08 -23.39 -16.39
CA PRO A 165 15.90 -24.69 -15.72
C PRO A 165 16.40 -24.65 -14.28
N GLY A 166 15.74 -25.41 -13.42
CA GLY A 166 16.12 -25.49 -12.03
C GLY A 166 15.58 -24.38 -11.15
N THR A 167 14.75 -23.50 -11.70
CA THR A 167 14.20 -22.41 -10.92
C THR A 167 13.01 -22.90 -10.10
N ALA A 168 12.98 -22.50 -8.83
CA ALA A 168 11.88 -22.81 -7.92
C ALA A 168 10.94 -21.61 -7.85
N VAL A 169 9.66 -21.86 -8.06
CA VAL A 169 8.63 -20.83 -8.04
C VAL A 169 7.62 -21.18 -6.97
N ASP A 170 7.27 -20.21 -6.13
CA ASP A 170 6.32 -20.39 -5.03
C ASP A 170 5.26 -19.31 -5.16
N VAL A 171 3.99 -19.72 -5.22
CA VAL A 171 2.88 -18.82 -5.47
C VAL A 171 1.96 -18.83 -4.25
N ALA A 172 1.78 -17.67 -3.64
CA ALA A 172 0.88 -17.51 -2.49
C ALA A 172 -0.21 -16.52 -2.86
N VAL A 173 -1.42 -17.03 -3.09
CA VAL A 173 -2.57 -16.21 -3.42
C VAL A 173 -3.30 -15.92 -2.10
N ASN A 174 -3.09 -14.73 -1.57
CA ASN A 174 -3.59 -14.36 -0.25
C ASN A 174 -4.76 -13.39 -0.42
N THR A 175 -5.85 -13.90 -0.99
CA THR A 175 -7.01 -13.10 -1.32
C THR A 175 -8.13 -13.16 -0.29
N TYR A 176 -8.00 -14.01 0.74
CA TYR A 176 -9.04 -14.05 1.77
C TYR A 176 -9.02 -12.77 2.59
N GLY A 177 -10.18 -12.16 2.74
CA GLY A 177 -10.29 -10.90 3.44
C GLY A 177 -9.93 -9.68 2.63
N VAL A 178 -9.61 -9.85 1.35
CA VAL A 178 -9.24 -8.75 0.46
C VAL A 178 -10.45 -8.42 -0.40
N ASP A 179 -10.81 -7.14 -0.45
CA ASP A 179 -11.86 -6.65 -1.34
C ASP A 179 -11.29 -6.55 -2.75
N LEU A 180 -11.65 -7.48 -3.62
CA LEU A 180 -11.19 -7.47 -4.99
C LEU A 180 -12.03 -6.56 -5.89
N GLY A 181 -12.90 -5.73 -5.31
CA GLY A 181 -13.66 -4.74 -6.08
C GLY A 181 -15.16 -5.00 -6.02
N GLU A 182 -15.90 -3.92 -5.77
CA GLU A 182 -17.37 -3.95 -5.79
C GLU A 182 -17.92 -4.98 -4.81
N GLY A 183 -17.29 -5.09 -3.64
CA GLY A 183 -17.75 -6.03 -2.64
C GLY A 183 -17.40 -7.47 -2.92
N MET A 184 -16.51 -7.74 -3.87
CA MET A 184 -16.10 -9.09 -4.22
C MET A 184 -14.87 -9.45 -3.39
N PHE A 185 -15.06 -10.34 -2.41
CA PHE A 185 -13.99 -10.73 -1.50
C PHE A 185 -13.52 -12.15 -1.82
N GLY A 186 -12.29 -12.44 -1.39
CA GLY A 186 -11.71 -13.75 -1.65
C GLY A 186 -12.34 -14.82 -0.78
N GLU A 187 -12.71 -15.94 -1.41
CA GLU A 187 -13.33 -17.04 -0.69
C GLU A 187 -12.32 -17.83 0.14
N ASP A 188 -11.05 -17.81 -0.26
CA ASP A 188 -10.01 -18.58 0.42
C ASP A 188 -8.66 -18.14 -0.13
N ASN A 189 -7.60 -18.68 0.43
CA ASN A 189 -6.24 -18.50 -0.08
C ASN A 189 -5.83 -19.74 -0.85
N VAL A 190 -4.71 -19.62 -1.57
CA VAL A 190 -4.11 -20.72 -2.32
C VAL A 190 -2.61 -20.63 -2.16
N GLN A 191 -1.96 -21.80 -2.09
CA GLN A 191 -0.52 -21.90 -1.91
C GLN A 191 -0.02 -23.09 -2.74
N THR A 192 0.64 -22.80 -3.86
CA THR A 192 1.18 -23.84 -4.72
C THR A 192 2.65 -23.57 -5.01
N HIS A 193 3.35 -24.62 -5.42
CA HIS A 193 4.78 -24.55 -5.69
C HIS A 193 5.11 -25.49 -6.84
N PHE A 194 5.94 -25.03 -7.77
CA PHE A 194 6.34 -25.84 -8.91
C PHE A 194 7.80 -25.55 -9.24
N THR A 195 8.37 -26.37 -10.12
CA THR A 195 9.78 -26.30 -10.48
C THR A 195 9.94 -26.35 -11.99
N ILE A 196 11.00 -25.72 -12.49
CA ILE A 196 11.25 -25.63 -13.92
C ILE A 196 12.18 -26.75 -14.33
N GLY A 197 11.77 -27.52 -15.34
CA GLY A 197 12.54 -28.65 -15.82
C GLY A 197 13.49 -28.28 -16.95
N ASP A 198 13.87 -29.30 -17.71
N ASP A 198 13.87 -29.30 -17.71
CA ASP A 198 14.80 -29.13 -18.82
CA ASP A 198 14.81 -29.11 -18.80
C ASP A 198 14.21 -28.19 -19.87
C ASP A 198 14.22 -28.22 -19.90
N GLU A 199 15.10 -27.58 -20.65
CA GLU A 199 14.70 -26.73 -21.77
C GLU A 199 14.31 -27.63 -22.94
N VAL A 200 13.05 -27.51 -23.39
CA VAL A 200 12.54 -28.28 -24.51
C VAL A 200 11.81 -27.30 -25.42
N ILE A 201 12.37 -27.06 -26.61
CA ILE A 201 11.82 -26.13 -27.59
C ILE A 201 11.73 -26.84 -28.94
N ALA A 202 10.54 -26.86 -29.52
CA ALA A 202 10.30 -27.46 -30.82
C ALA A 202 9.93 -26.36 -31.81
N THR A 203 10.54 -26.38 -32.98
CA THR A 203 10.39 -25.33 -33.98
C THR A 203 9.80 -25.93 -35.25
N ALA A 204 8.67 -25.39 -35.70
CA ALA A 204 8.03 -25.79 -36.95
C ALA A 204 8.30 -24.70 -37.98
N ASP A 205 9.12 -25.03 -38.99
CA ASP A 205 9.51 -24.08 -40.02
C ASP A 205 8.74 -24.40 -41.29
N ASP A 206 7.86 -23.48 -41.69
CA ASP A 206 7.04 -23.71 -42.87
C ASP A 206 7.89 -23.88 -44.12
N ASN A 207 9.09 -23.30 -44.14
CA ASN A 207 9.94 -23.40 -45.32
C ASN A 207 10.41 -24.83 -45.56
N THR A 208 10.66 -25.59 -44.49
CA THR A 208 11.09 -26.98 -44.61
C THR A 208 9.97 -27.97 -44.31
N LYS A 209 8.87 -27.53 -43.71
CA LYS A 209 7.79 -28.43 -43.32
C LYS A 209 8.29 -29.48 -42.33
N ILE A 210 9.21 -29.07 -41.46
CA ILE A 210 9.80 -29.94 -40.45
C ILE A 210 9.58 -29.34 -39.08
N LEU A 211 9.24 -30.20 -38.12
CA LEU A 211 9.11 -29.83 -36.72
C LEU A 211 10.30 -30.43 -35.96
N THR A 212 11.22 -29.57 -35.54
CA THR A 212 12.48 -30.01 -34.94
C THR A 212 12.45 -29.79 -33.44
N VAL A 213 12.59 -30.88 -32.68
CA VAL A 213 12.55 -30.83 -31.23
C VAL A 213 13.98 -30.73 -30.70
N ARG A 214 14.23 -29.69 -29.90
CA ARG A 214 15.53 -29.47 -29.28
C ARG A 214 15.40 -29.60 -27.77
N VAL A 215 16.26 -30.42 -27.18
CA VAL A 215 16.29 -30.65 -25.74
C VAL A 215 17.65 -30.17 -25.24
N ASN A 216 17.65 -29.05 -24.52
CA ASN A 216 18.88 -28.46 -24.00
C ASN A 216 19.87 -28.15 -25.12
N GLY A 217 19.35 -27.62 -26.23
CA GLY A 217 20.17 -27.18 -27.33
C GLY A 217 20.45 -28.22 -28.39
N GLU A 218 20.27 -29.50 -28.08
CA GLU A 218 20.58 -30.59 -29.02
C GLU A 218 19.33 -31.01 -29.76
N VAL A 219 19.45 -31.17 -31.08
CA VAL A 219 18.36 -31.74 -31.86
C VAL A 219 18.23 -33.21 -31.51
N VAL A 220 17.02 -33.63 -31.14
CA VAL A 220 16.77 -35.02 -30.78
C VAL A 220 15.71 -35.69 -31.64
N LYS A 221 14.93 -34.92 -32.40
CA LYS A 221 13.87 -35.48 -33.23
C LYS A 221 13.59 -34.49 -34.34
N SER A 222 13.32 -35.00 -35.53
CA SER A 222 12.96 -34.18 -36.70
C SER A 222 11.74 -34.81 -37.35
N MET A 223 10.60 -34.12 -37.24
CA MET A 223 9.31 -34.68 -37.60
C MET A 223 8.79 -34.02 -38.87
N PRO A 224 8.57 -34.77 -39.96
CA PRO A 224 7.83 -34.21 -41.08
C PRO A 224 6.43 -33.84 -40.64
N THR A 225 5.93 -32.71 -41.14
CA THR A 225 4.65 -32.20 -40.68
C THR A 225 3.91 -31.53 -41.83
N SER A 226 2.58 -31.48 -41.70
CA SER A 226 1.71 -30.74 -42.60
C SER A 226 0.85 -29.81 -41.75
N MET A 227 1.00 -28.51 -41.97
CA MET A 227 0.35 -27.51 -41.16
C MET A 227 -0.91 -26.99 -41.88
N GLY A 228 -1.42 -25.84 -41.42
CA GLY A 228 -2.65 -25.32 -42.00
C GLY A 228 -2.46 -24.90 -43.44
N LYS A 229 -3.46 -25.21 -44.27
CA LYS A 229 -3.45 -24.82 -45.66
C LYS A 229 -3.60 -23.31 -45.80
N ASP A 230 -3.27 -22.80 -46.99
CA ASP A 230 -3.32 -21.37 -47.24
C ASP A 230 -4.67 -20.76 -46.88
N SER A 231 -5.73 -21.56 -46.87
CA SER A 231 -7.05 -21.04 -46.55
C SER A 231 -7.29 -20.95 -45.05
N THR A 232 -6.71 -21.87 -44.28
CA THR A 232 -6.83 -21.88 -42.81
C THR A 232 -5.44 -22.09 -42.23
N PRO A 233 -4.56 -21.11 -42.38
CA PRO A 233 -3.14 -21.34 -42.05
C PRO A 233 -2.89 -21.37 -40.55
N THR A 234 -1.76 -21.97 -40.19
CA THR A 234 -1.29 -21.96 -38.82
C THR A 234 -0.57 -20.65 -38.54
N ALA A 235 -0.97 -19.97 -37.46
CA ALA A 235 -0.37 -18.68 -37.13
C ALA A 235 1.06 -18.85 -36.64
N ASN A 236 1.93 -17.93 -37.05
CA ASN A 236 3.30 -17.94 -36.56
C ASN A 236 3.33 -17.49 -35.09
N GLY A 237 4.45 -17.80 -34.43
CA GLY A 237 4.71 -17.29 -33.09
C GLY A 237 5.10 -18.40 -32.14
N ILE A 238 4.93 -18.13 -30.86
CA ILE A 238 5.35 -19.01 -29.77
C ILE A 238 4.10 -19.60 -29.12
N TYR A 239 4.09 -20.92 -28.96
CA TYR A 239 2.99 -21.63 -28.33
C TYR A 239 3.51 -22.32 -27.07
N ILE A 240 2.70 -22.29 -26.02
CA ILE A 240 3.01 -23.00 -24.78
C ILE A 240 2.28 -24.33 -24.81
N VAL A 241 3.00 -25.41 -24.49
CA VAL A 241 2.39 -26.74 -24.44
C VAL A 241 1.44 -26.81 -23.25
N GLY A 242 0.25 -27.37 -23.48
CA GLY A 242 -0.74 -27.55 -22.44
C GLY A 242 -1.06 -29.00 -22.17
N SER A 243 -2.33 -29.36 -22.24
CA SER A 243 -2.75 -30.71 -21.89
C SER A 243 -2.36 -31.71 -22.97
N ARG A 244 -2.13 -32.95 -22.54
CA ARG A 244 -1.75 -34.05 -23.42
C ARG A 244 -2.76 -35.17 -23.32
N TYR A 245 -3.16 -35.71 -24.47
CA TYR A 245 -4.24 -36.69 -24.53
C TYR A 245 -3.81 -37.92 -25.32
N LYS A 246 -3.92 -39.10 -24.69
CA LYS A 246 -3.77 -40.34 -25.44
C LYS A 246 -4.68 -40.33 -26.66
N HIS A 247 -5.89 -39.81 -26.51
CA HIS A 247 -6.77 -39.54 -27.63
C HIS A 247 -7.79 -38.50 -27.18
N ILE A 248 -8.34 -37.77 -28.15
CA ILE A 248 -9.30 -36.73 -27.87
C ILE A 248 -10.18 -36.53 -29.10
N ILE A 249 -11.45 -36.19 -28.85
CA ILE A 249 -12.42 -35.98 -29.90
C ILE A 249 -12.46 -34.51 -30.27
N MET A 250 -12.17 -34.20 -31.54
CA MET A 250 -12.25 -32.85 -32.06
C MET A 250 -13.54 -32.72 -32.86
N ASP A 251 -14.41 -31.81 -32.44
CA ASP A 251 -15.77 -31.75 -32.97
C ASP A 251 -15.85 -31.07 -34.33
N SER A 252 -16.04 -29.75 -34.33
CA SER A 252 -16.31 -28.92 -35.51
C SER A 252 -17.61 -28.17 -35.29
N SER A 253 -18.68 -28.91 -34.98
CA SER A 253 -19.95 -28.29 -34.61
C SER A 253 -19.81 -27.43 -33.36
N THR A 254 -18.78 -27.66 -32.55
CA THR A 254 -18.54 -26.81 -31.39
C THR A 254 -18.18 -25.39 -31.80
N TYR A 255 -17.65 -25.21 -33.01
CA TYR A 255 -17.32 -23.90 -33.55
C TYR A 255 -18.49 -23.26 -34.29
N GLY A 256 -19.63 -23.93 -34.37
CA GLY A 256 -20.79 -23.42 -35.05
C GLY A 256 -20.98 -23.96 -36.46
N VAL A 257 -19.96 -24.53 -37.05
CA VAL A 257 -20.07 -25.07 -38.41
C VAL A 257 -20.50 -26.53 -38.34
N PRO A 258 -21.58 -26.92 -39.01
CA PRO A 258 -22.02 -28.32 -38.94
C PRO A 258 -21.00 -29.26 -39.56
N VAL A 259 -20.93 -30.46 -38.99
CA VAL A 259 -20.03 -31.48 -39.53
C VAL A 259 -20.45 -31.86 -40.94
N ASN A 260 -21.75 -32.02 -41.17
CA ASN A 260 -22.27 -32.39 -42.50
C ASN A 260 -22.31 -31.16 -43.41
N SER A 261 -21.13 -30.61 -43.66
CA SER A 261 -20.98 -29.44 -44.53
C SER A 261 -19.57 -29.46 -45.10
N PRO A 262 -19.31 -28.64 -46.12
CA PRO A 262 -18.00 -28.70 -46.77
C PRO A 262 -16.82 -28.51 -45.83
N ASN A 263 -16.89 -27.54 -44.91
CA ASN A 263 -15.76 -27.19 -44.06
C ASN A 263 -15.88 -27.76 -42.65
N GLY A 264 -16.68 -28.81 -42.47
CA GLY A 264 -16.85 -29.43 -41.17
C GLY A 264 -16.46 -30.89 -41.20
N TYR A 265 -16.01 -31.40 -40.06
CA TYR A 265 -15.61 -32.80 -39.95
C TYR A 265 -15.54 -33.19 -38.49
N ARG A 266 -15.97 -34.42 -38.19
CA ARG A 266 -15.89 -34.99 -36.85
C ARG A 266 -14.88 -36.13 -36.87
N THR A 267 -14.02 -36.18 -35.86
CA THR A 267 -12.98 -37.21 -35.84
C THR A 267 -12.37 -37.30 -34.45
N ASP A 268 -11.98 -38.51 -34.08
CA ASP A 268 -11.27 -38.81 -32.84
C ASP A 268 -9.78 -38.99 -33.17
N VAL A 269 -8.92 -38.31 -32.40
CA VAL A 269 -7.52 -38.14 -32.75
C VAL A 269 -6.64 -38.76 -31.67
N ASP A 270 -5.57 -39.42 -32.09
CA ASP A 270 -4.62 -40.07 -31.19
C ASP A 270 -3.44 -39.14 -30.90
N TRP A 271 -2.85 -39.32 -29.73
CA TRP A 271 -1.60 -38.66 -29.33
C TRP A 271 -1.61 -37.17 -29.67
N ALA A 272 -2.49 -36.45 -28.98
CA ALA A 272 -2.73 -35.05 -29.25
C ALA A 272 -2.21 -34.21 -28.09
N THR A 273 -1.32 -33.27 -28.39
CA THR A 273 -0.76 -32.34 -27.42
C THR A 273 -1.27 -30.95 -27.76
N GLN A 274 -2.03 -30.36 -26.84
CA GLN A 274 -2.61 -29.04 -27.06
C GLN A 274 -1.56 -27.95 -26.91
N ILE A 275 -1.58 -26.97 -27.82
CA ILE A 275 -0.64 -25.87 -27.73
C ILE A 275 -1.32 -24.52 -27.97
N SER A 276 -2.65 -24.53 -28.09
CA SER A 276 -3.39 -23.28 -28.12
C SER A 276 -4.82 -23.53 -27.69
N TYR A 277 -5.41 -22.55 -26.98
CA TYR A 277 -6.82 -22.63 -26.66
C TYR A 277 -7.67 -22.64 -27.92
N SER A 278 -7.15 -22.06 -29.01
CA SER A 278 -7.90 -21.97 -30.25
C SER A 278 -8.05 -23.33 -30.96
N GLY A 279 -7.33 -24.35 -30.50
CA GLY A 279 -7.49 -25.70 -31.01
C GLY A 279 -6.32 -26.26 -31.78
N VAL A 280 -5.16 -25.64 -31.73
CA VAL A 280 -3.99 -26.15 -32.44
C VAL A 280 -3.36 -27.27 -31.62
N PHE A 281 -3.20 -28.44 -32.24
CA PHE A 281 -2.64 -29.60 -31.60
C PHE A 281 -1.48 -30.15 -32.42
N VAL A 282 -0.55 -30.81 -31.75
CA VAL A 282 0.43 -31.68 -32.37
C VAL A 282 -0.11 -33.11 -32.18
N HIS A 283 -0.54 -33.75 -33.26
CA HIS A 283 -1.33 -34.96 -33.14
C HIS A 283 -1.01 -35.93 -34.26
N SER A 284 -1.47 -37.17 -34.08
CA SER A 284 -1.32 -38.21 -35.08
C SER A 284 -2.28 -37.96 -36.24
N ALA A 285 -1.76 -37.99 -37.46
CA ALA A 285 -2.55 -37.75 -38.67
C ALA A 285 -2.20 -38.82 -39.70
N PRO A 286 -2.75 -40.02 -39.54
CA PRO A 286 -2.52 -41.05 -40.57
C PRO A 286 -2.92 -40.62 -41.96
N TRP A 287 -3.94 -39.76 -42.09
CA TRP A 287 -4.51 -39.44 -43.38
C TRP A 287 -3.62 -38.52 -44.21
N SER A 288 -2.67 -37.82 -43.59
CA SER A 288 -1.83 -36.87 -44.31
C SER A 288 -0.36 -37.23 -44.25
N VAL A 289 -0.03 -38.50 -44.01
CA VAL A 289 1.36 -38.92 -43.93
C VAL A 289 2.09 -38.61 -45.23
N GLY A 290 1.42 -38.82 -46.36
CA GLY A 290 2.05 -38.51 -47.64
C GLY A 290 2.37 -37.04 -47.78
N ALA A 291 1.51 -36.17 -47.28
CA ALA A 291 1.73 -34.74 -47.40
C ALA A 291 2.76 -34.23 -46.41
N GLN A 292 2.87 -34.86 -45.25
CA GLN A 292 3.75 -34.37 -44.20
C GLN A 292 5.17 -34.22 -44.73
N GLY A 293 5.80 -33.09 -44.43
CA GLY A 293 7.11 -32.78 -44.94
C GLY A 293 7.12 -32.21 -46.35
N HIS A 294 5.96 -31.93 -46.93
CA HIS A 294 5.89 -31.43 -48.30
C HIS A 294 4.91 -30.27 -48.43
N THR A 295 3.62 -30.52 -48.21
CA THR A 295 2.59 -29.53 -48.39
C THR A 295 1.70 -29.46 -47.15
N ASN A 296 0.97 -28.36 -47.02
CA ASN A 296 0.07 -28.12 -45.90
C ASN A 296 -1.35 -28.48 -46.27
N THR A 297 -2.02 -29.24 -45.41
CA THR A 297 -3.39 -29.68 -45.67
C THR A 297 -4.34 -29.54 -44.47
N SER A 298 -3.85 -29.18 -43.29
CA SER A 298 -4.69 -29.20 -42.11
C SER A 298 -5.55 -27.94 -42.02
N HIS A 299 -6.28 -27.80 -40.91
CA HIS A 299 -7.04 -26.61 -40.62
C HIS A 299 -6.31 -25.68 -39.65
N GLY A 300 -5.09 -26.03 -39.24
CA GLY A 300 -4.35 -25.23 -38.28
C GLY A 300 -3.47 -26.12 -37.43
N CYS A 301 -3.91 -27.36 -37.22
CA CYS A 301 -3.19 -28.27 -36.44
C CYS A 301 -1.86 -28.68 -37.10
N LEU A 302 -0.91 -29.12 -36.30
CA LEU A 302 0.37 -29.64 -36.79
C LEU A 302 0.27 -31.15 -36.97
N ASN A 303 -0.07 -31.56 -38.20
CA ASN A 303 -0.17 -32.99 -38.50
C ASN A 303 1.21 -33.61 -38.53
N VAL A 304 1.37 -34.74 -37.84
CA VAL A 304 2.58 -35.54 -37.89
C VAL A 304 2.19 -37.01 -37.95
N SER A 305 3.19 -37.86 -38.14
CA SER A 305 2.93 -39.29 -38.22
C SER A 305 2.49 -39.82 -36.85
N PRO A 306 1.79 -40.94 -36.83
CA PRO A 306 1.40 -41.52 -35.53
C PRO A 306 2.59 -41.76 -34.60
N SER A 307 3.68 -42.33 -35.11
CA SER A 307 4.82 -42.64 -34.26
C SER A 307 5.45 -41.36 -33.69
N ASN A 308 5.51 -40.30 -34.50
CA ASN A 308 6.06 -39.03 -34.02
C ASN A 308 5.12 -38.35 -33.03
N ALA A 309 3.81 -38.48 -33.26
CA ALA A 309 2.84 -37.90 -32.33
C ALA A 309 2.98 -38.52 -30.94
N GLN A 310 3.04 -39.86 -30.89
CA GLN A 310 3.22 -40.53 -29.61
C GLN A 310 4.55 -40.13 -28.97
N TRP A 311 5.60 -39.99 -29.78
CA TRP A 311 6.88 -39.54 -29.25
C TRP A 311 6.76 -38.16 -28.63
N PHE A 312 6.13 -37.23 -29.37
CA PHE A 312 5.90 -35.89 -28.82
C PHE A 312 5.11 -35.97 -27.52
N TYR A 313 4.10 -36.83 -27.48
CA TYR A 313 3.31 -37.00 -26.25
C TYR A 313 4.18 -37.50 -25.10
N ASP A 314 5.13 -38.38 -25.39
CA ASP A 314 5.95 -38.98 -24.34
C ASP A 314 7.12 -38.12 -23.92
N HIS A 315 7.60 -37.21 -24.78
CA HIS A 315 8.82 -36.47 -24.53
C HIS A 315 8.58 -35.00 -24.25
N VAL A 316 7.34 -34.54 -24.24
CA VAL A 316 7.01 -33.13 -24.03
C VAL A 316 6.12 -33.03 -22.80
N LYS A 317 6.33 -31.97 -22.02
CA LYS A 317 5.59 -31.73 -20.79
C LYS A 317 4.96 -30.35 -20.84
N ARG A 318 3.96 -30.15 -19.98
N ARG A 318 3.96 -30.15 -19.98
CA ARG A 318 3.30 -28.85 -19.87
CA ARG A 318 3.30 -28.85 -19.88
C ARG A 318 4.35 -27.76 -19.66
C ARG A 318 4.33 -27.76 -19.65
N GLY A 319 4.21 -26.67 -20.42
CA GLY A 319 5.12 -25.55 -20.34
C GLY A 319 6.20 -25.50 -21.39
N ASP A 320 6.51 -26.63 -22.03
CA ASP A 320 7.46 -26.61 -23.14
C ASP A 320 6.91 -25.72 -24.26
N ILE A 321 7.77 -25.43 -25.24
CA ILE A 321 7.50 -24.41 -26.25
C ILE A 321 7.44 -25.03 -27.63
N VAL A 322 6.50 -24.54 -28.43
CA VAL A 322 6.45 -24.81 -29.88
C VAL A 322 6.46 -23.47 -30.59
N GLU A 323 7.43 -23.29 -31.48
CA GLU A 323 7.56 -22.08 -32.28
C GLU A 323 7.24 -22.39 -33.73
N VAL A 324 6.36 -21.58 -34.31
CA VAL A 324 5.99 -21.68 -35.72
C VAL A 324 6.48 -20.43 -36.43
N VAL A 325 7.16 -20.62 -37.57
CA VAL A 325 7.78 -19.52 -38.30
C VAL A 325 7.61 -19.73 -39.80
N ASN A 326 7.57 -18.62 -40.54
CA ASN A 326 7.58 -18.58 -42.00
C ASN A 326 6.28 -19.09 -42.63
N THR A 327 5.18 -19.09 -41.90
CA THR A 327 3.89 -19.44 -42.48
C THR A 327 3.24 -18.19 -43.10
N VAL A 328 2.21 -18.43 -43.91
CA VAL A 328 1.48 -17.33 -44.54
C VAL A 328 0.45 -16.70 -43.61
N GLY A 329 0.29 -17.21 -42.39
CA GLY A 329 -0.64 -16.66 -41.45
C GLY A 329 -0.04 -15.54 -40.61
N GLY A 330 -0.89 -14.94 -39.79
CA GLY A 330 -0.48 -13.88 -38.90
C GLY A 330 0.27 -14.42 -37.70
N THR A 331 0.13 -13.71 -36.58
CA THR A 331 0.76 -14.09 -35.32
C THR A 331 -0.31 -14.59 -34.35
N LEU A 332 0.05 -15.59 -33.56
CA LEU A 332 -0.88 -16.12 -32.56
C LEU A 332 -1.24 -15.02 -31.57
N PRO A 333 -2.53 -14.84 -31.25
CA PRO A 333 -2.91 -13.81 -30.29
C PRO A 333 -2.21 -13.97 -28.96
N GLY A 334 -1.74 -12.85 -28.40
CA GLY A 334 -1.04 -12.90 -27.13
C GLY A 334 -1.92 -13.36 -25.98
N ILE A 335 -3.23 -13.18 -26.09
CA ILE A 335 -4.14 -13.53 -25.01
C ILE A 335 -4.95 -14.77 -25.38
N ASP A 336 -4.35 -15.64 -26.20
CA ASP A 336 -5.04 -16.88 -26.59
C ASP A 336 -5.34 -17.74 -25.37
N GLY A 337 -4.42 -17.80 -24.42
CA GLY A 337 -4.50 -18.74 -23.32
C GLY A 337 -3.20 -19.50 -23.19
N LEU A 338 -2.54 -19.71 -24.33
CA LEU A 338 -1.22 -20.31 -24.37
C LEU A 338 -0.26 -19.51 -25.25
N GLY A 339 -0.58 -18.24 -25.51
CA GLY A 339 0.25 -17.40 -26.35
C GLY A 339 0.86 -16.24 -25.61
N ASP A 340 1.08 -16.41 -24.30
CA ASP A 340 1.59 -15.33 -23.47
C ASP A 340 2.83 -14.69 -24.07
N TRP A 341 3.78 -15.51 -24.52
CA TRP A 341 5.09 -15.02 -24.93
C TRP A 341 5.04 -14.19 -26.21
N ASN A 342 3.90 -14.10 -26.88
CA ASN A 342 3.81 -13.30 -28.09
C ASN A 342 3.56 -11.83 -27.81
N ILE A 343 3.31 -11.46 -26.56
CA ILE A 343 3.13 -10.05 -26.21
C ILE A 343 4.51 -9.42 -25.99
N PRO A 344 4.84 -8.33 -26.67
CA PRO A 344 6.13 -7.67 -26.42
C PRO A 344 6.32 -7.41 -24.92
N TRP A 345 7.54 -7.64 -24.45
CA TRP A 345 7.80 -7.55 -23.02
C TRP A 345 7.41 -6.19 -22.45
N ASP A 346 7.67 -5.12 -23.20
CA ASP A 346 7.35 -3.78 -22.71
C ASP A 346 5.84 -3.62 -22.51
N GLN A 347 5.03 -4.25 -23.36
CA GLN A 347 3.59 -4.19 -23.19
C GLN A 347 3.13 -5.07 -22.04
N TRP A 348 3.77 -6.23 -21.88
CA TRP A 348 3.45 -7.10 -20.75
C TRP A 348 3.87 -6.45 -19.44
N ARG A 349 5.10 -5.95 -19.37
CA ARG A 349 5.59 -5.32 -18.15
C ARG A 349 4.66 -4.21 -17.67
N ALA A 350 4.26 -3.33 -18.59
CA ALA A 350 3.38 -2.22 -18.22
C ALA A 350 2.06 -2.73 -17.64
N GLY A 351 1.62 -3.91 -18.06
CA GLY A 351 0.41 -4.48 -17.53
C GLY A 351 -0.84 -3.83 -18.09
N ASN A 352 -1.98 -4.29 -17.59
CA ASN A 352 -3.28 -3.75 -17.98
C ASN A 352 -4.23 -3.68 -16.79
N ALA A 353 -3.69 -3.43 -15.59
CA ALA A 353 -4.51 -3.36 -14.40
C ALA A 353 -5.40 -2.12 -14.36
N LYS A 354 -5.14 -1.12 -15.21
CA LYS A 354 -5.88 0.13 -15.20
C LYS A 354 -5.85 0.75 -13.79
N LEU B 4 -43.36 44.73 36.04
CA LEU B 4 -42.10 45.34 35.64
C LEU B 4 -40.91 44.48 36.05
N LEU B 5 -40.33 43.78 35.07
CA LEU B 5 -39.23 42.86 35.33
C LEU B 5 -37.90 43.58 35.10
N VAL B 6 -37.05 43.60 36.11
CA VAL B 6 -35.73 44.22 35.98
C VAL B 6 -34.85 43.35 35.10
N PRO B 7 -34.04 43.92 34.21
CA PRO B 7 -33.18 43.10 33.36
C PRO B 7 -32.06 42.44 34.16
N LYS B 8 -31.54 41.35 33.60
CA LYS B 8 -30.48 40.57 34.22
C LYS B 8 -29.29 40.49 33.26
N LEU B 9 -28.09 40.40 33.84
CA LEU B 9 -26.84 40.38 33.10
C LEU B 9 -26.07 39.11 33.41
N THR B 10 -25.67 38.39 32.36
CA THR B 10 -24.87 37.19 32.48
C THR B 10 -23.57 37.36 31.72
N ALA B 11 -22.52 36.66 32.18
CA ALA B 11 -21.21 36.74 31.56
C ALA B 11 -20.62 35.35 31.43
N SER B 12 -19.72 35.19 30.44
CA SER B 12 -18.98 33.94 30.29
C SER B 12 -17.87 33.81 31.33
N VAL B 13 -17.54 34.90 32.02
CA VAL B 13 -16.65 34.87 33.17
C VAL B 13 -17.45 35.35 34.37
N THR B 14 -16.82 35.27 35.55
CA THR B 14 -17.47 35.73 36.78
C THR B 14 -16.45 36.52 37.59
N ASP B 15 -16.97 37.48 38.36
CA ASP B 15 -16.11 38.39 39.12
C ASP B 15 -15.24 37.62 40.10
N GLY B 16 -13.97 38.02 40.18
CA GLY B 16 -13.00 37.35 41.01
C GLY B 16 -12.35 36.16 40.36
N ALA B 17 -12.73 35.81 39.15
CA ALA B 17 -12.15 34.64 38.49
C ALA B 17 -10.67 34.87 38.21
N VAL B 18 -9.88 33.83 38.42
CA VAL B 18 -8.46 33.84 38.10
C VAL B 18 -8.19 32.71 37.12
N GLY B 19 -7.09 32.86 36.37
CA GLY B 19 -6.71 31.82 35.42
C GLY B 19 -7.66 31.68 34.24
N VAL B 20 -8.37 32.74 33.87
CA VAL B 20 -9.25 32.67 32.72
C VAL B 20 -8.43 32.45 31.46
N THR B 21 -8.77 31.43 30.70
CA THR B 21 -8.04 31.11 29.48
C THR B 21 -8.46 32.02 28.34
N VAL B 22 -7.50 32.40 27.51
CA VAL B 22 -7.73 33.35 26.43
C VAL B 22 -7.94 32.63 25.09
N ASP B 23 -8.26 31.34 25.12
CA ASP B 23 -8.51 30.59 23.90
C ASP B 23 -9.90 30.85 23.31
N ALA B 24 -10.71 31.69 23.95
CA ALA B 24 -12.05 31.97 23.44
C ALA B 24 -12.40 33.40 23.81
N PRO B 25 -13.44 33.96 23.19
CA PRO B 25 -13.84 35.33 23.52
C PRO B 25 -14.68 35.38 24.79
N VAL B 26 -14.77 36.58 25.35
CA VAL B 26 -15.59 36.88 26.52
C VAL B 26 -16.88 37.52 26.04
N SER B 27 -18.00 37.11 26.64
CA SER B 27 -19.31 37.56 26.20
C SER B 27 -20.16 37.99 27.40
N VAL B 28 -21.16 38.81 27.09
CA VAL B 28 -22.14 39.26 28.08
C VAL B 28 -23.52 39.20 27.45
N THR B 29 -24.45 38.53 28.13
CA THR B 29 -25.82 38.37 27.66
C THR B 29 -26.80 39.10 28.58
N ALA B 30 -27.90 39.55 28.00
CA ALA B 30 -28.94 40.26 28.73
C ALA B 30 -30.25 39.49 28.63
N ALA B 31 -31.00 39.48 29.73
CA ALA B 31 -32.31 38.86 29.79
C ALA B 31 -33.32 39.86 30.30
N ASP B 32 -34.57 39.72 29.84
CA ASP B 32 -35.65 40.63 30.22
C ASP B 32 -35.31 42.08 29.88
N GLY B 33 -34.52 42.28 28.83
CA GLY B 33 -34.10 43.61 28.44
C GLY B 33 -33.07 43.53 27.33
N VAL B 34 -32.33 44.63 27.15
CA VAL B 34 -31.31 44.72 26.13
C VAL B 34 -30.10 45.43 26.72
N LEU B 35 -28.93 45.13 26.17
CA LEU B 35 -27.70 45.78 26.58
C LEU B 35 -27.64 47.18 25.99
N ALA B 36 -27.34 48.16 26.84
CA ALA B 36 -27.20 49.54 26.38
C ALA B 36 -25.76 49.86 26.00
N ALA B 37 -24.80 49.30 26.72
CA ALA B 37 -23.39 49.52 26.43
C ALA B 37 -22.57 48.54 27.25
N VAL B 38 -21.48 48.05 26.66
CA VAL B 38 -20.54 47.17 27.32
C VAL B 38 -19.14 47.69 27.05
N THR B 39 -18.29 47.69 28.08
CA THR B 39 -16.91 48.08 27.94
C THR B 39 -16.04 47.10 28.72
N MET B 40 -14.83 46.86 28.20
N MET B 40 -14.84 46.84 28.19
CA MET B 40 -13.86 46.00 28.89
CA MET B 40 -13.86 46.01 28.86
C MET B 40 -12.48 46.61 28.68
C MET B 40 -12.50 46.66 28.67
N VAL B 41 -11.89 47.13 29.75
CA VAL B 41 -10.56 47.70 29.73
C VAL B 41 -9.64 46.81 30.55
N ASN B 42 -8.35 46.91 30.29
CA ASN B 42 -7.36 46.10 30.96
C ASN B 42 -6.71 46.88 32.09
N ASP B 43 -5.81 46.20 32.82
CA ASP B 43 -5.13 46.82 33.96
C ASP B 43 -4.49 48.16 33.59
N ASN B 44 -3.97 48.26 32.36
CA ASN B 44 -3.34 49.51 31.92
C ASN B 44 -4.35 50.56 31.47
N GLY B 45 -5.61 50.20 31.33
CA GLY B 45 -6.63 51.14 30.89
C GLY B 45 -6.92 51.14 29.41
N ARG B 46 -6.33 50.23 28.65
CA ARG B 46 -6.59 50.16 27.21
C ARG B 46 -7.84 49.34 26.95
N PRO B 47 -8.76 49.82 26.11
CA PRO B 47 -10.02 49.09 25.90
C PRO B 47 -9.80 47.85 25.05
N VAL B 48 -10.84 47.02 25.02
CA VAL B 48 -10.88 45.82 24.20
C VAL B 48 -12.03 45.97 23.21
N ALA B 49 -11.75 45.68 21.94
CA ALA B 49 -12.78 45.80 20.91
C ALA B 49 -13.86 44.75 21.14
N GLY B 50 -15.12 45.18 21.00
CA GLY B 50 -16.25 44.28 21.09
C GLY B 50 -17.34 44.70 20.12
N ARG B 51 -18.34 43.82 19.97
CA ARG B 51 -19.44 44.06 19.05
C ARG B 51 -20.73 43.60 19.68
N LEU B 52 -21.71 44.49 19.74
CA LEU B 52 -23.03 44.19 20.26
C LEU B 52 -23.92 43.70 19.13
N SER B 53 -24.63 42.59 19.39
CA SER B 53 -25.48 42.02 18.35
C SER B 53 -26.61 42.97 17.99
N PRO B 54 -27.14 42.85 16.77
CA PRO B 54 -28.21 43.78 16.35
C PRO B 54 -29.41 43.80 17.30
N ASP B 55 -29.79 42.66 17.86
CA ASP B 55 -30.94 42.61 18.75
C ASP B 55 -30.63 43.14 20.14
N GLY B 56 -29.39 43.53 20.41
CA GLY B 56 -29.03 44.09 21.70
C GLY B 56 -28.91 43.11 22.83
N LEU B 57 -28.95 41.81 22.56
CA LEU B 57 -28.92 40.80 23.61
C LEU B 57 -27.54 40.24 23.89
N ARG B 58 -26.62 40.26 22.91
CA ARG B 58 -25.36 39.55 23.01
C ARG B 58 -24.22 40.49 22.64
N TRP B 59 -23.30 40.70 23.57
CA TRP B 59 -22.06 41.42 23.34
C TRP B 59 -20.90 40.45 23.46
N SER B 60 -19.89 40.62 22.62
CA SER B 60 -18.75 39.72 22.64
C SER B 60 -17.49 40.48 22.22
N THR B 61 -16.37 40.12 22.84
CA THR B 61 -15.09 40.69 22.45
C THR B 61 -14.73 40.23 21.03
N THR B 62 -14.04 41.12 20.32
CA THR B 62 -13.64 40.85 18.93
C THR B 62 -12.15 40.60 18.77
N GLU B 63 -11.30 41.23 19.56
CA GLU B 63 -9.87 41.05 19.44
C GLU B 63 -9.35 40.07 20.49
N GLN B 64 -8.13 39.57 20.24
CA GLN B 64 -7.53 38.55 21.08
C GLN B 64 -7.16 39.12 22.45
N LEU B 65 -7.49 38.39 23.50
CA LEU B 65 -7.10 38.75 24.85
C LEU B 65 -5.71 38.22 25.15
N GLY B 66 -5.05 38.85 26.13
CA GLY B 66 -3.65 38.60 26.42
C GLY B 66 -3.43 37.96 27.77
N TYR B 67 -2.33 37.22 27.89
CA TYR B 67 -1.93 36.64 29.15
C TYR B 67 -1.58 37.74 30.16
N ASN B 68 -1.47 37.34 31.43
CA ASN B 68 -1.04 38.22 32.51
C ASN B 68 -1.76 39.57 32.46
N ARG B 69 -3.08 39.51 32.27
CA ARG B 69 -3.91 40.70 32.24
C ARG B 69 -4.97 40.62 33.33
N ARG B 70 -5.40 41.80 33.80
CA ARG B 70 -6.55 41.94 34.68
C ARG B 70 -7.56 42.79 33.94
N TYR B 71 -8.69 42.20 33.56
CA TYR B 71 -9.71 42.88 32.80
C TYR B 71 -10.88 43.29 33.69
N THR B 72 -11.42 44.48 33.45
CA THR B 72 -12.57 45.01 34.18
C THR B 72 -13.67 45.30 33.18
N LEU B 73 -14.84 44.71 33.40
CA LEU B 73 -15.96 44.79 32.49
C LEU B 73 -17.09 45.60 33.12
N ASN B 74 -17.65 46.54 32.37
CA ASN B 74 -18.78 47.34 32.79
C ASN B 74 -19.89 47.21 31.77
N ALA B 75 -21.09 46.83 32.23
CA ALA B 75 -22.23 46.61 31.36
C ALA B 75 -23.47 47.25 31.98
N THR B 76 -24.31 47.82 31.12
CA THR B 76 -25.58 48.43 31.52
C THR B 76 -26.68 47.91 30.61
N ALA B 77 -27.77 47.44 31.22
CA ALA B 77 -28.91 46.91 30.48
C ALA B 77 -30.14 47.74 30.77
N LEU B 78 -31.03 47.83 29.78
CA LEU B 78 -32.25 48.60 29.88
C LEU B 78 -33.43 47.74 29.44
N GLY B 79 -34.58 48.01 30.04
CA GLY B 79 -35.81 47.32 29.68
C GLY B 79 -37.00 48.12 30.14
N LEU B 80 -38.17 47.68 29.69
CA LEU B 80 -39.41 48.33 30.12
C LEU B 80 -39.65 48.20 31.62
N GLY B 81 -38.93 47.31 32.30
CA GLY B 81 -39.12 47.10 33.72
C GLY B 81 -38.10 47.79 34.60
N GLY B 82 -37.07 48.36 34.00
CA GLY B 82 -36.07 49.09 34.75
C GLY B 82 -34.70 48.94 34.11
N ALA B 83 -33.67 49.33 34.87
CA ALA B 83 -32.30 49.34 34.40
C ALA B 83 -31.44 48.54 35.36
N ALA B 84 -30.33 48.01 34.84
CA ALA B 84 -29.39 47.24 35.63
C ALA B 84 -27.99 47.45 35.08
N THR B 85 -27.03 47.60 35.99
CA THR B 85 -25.63 47.73 35.62
C THR B 85 -24.80 46.78 36.49
N ARG B 86 -23.64 46.40 35.96
CA ARG B 86 -22.79 45.44 36.65
C ARG B 86 -21.33 45.69 36.29
N GLN B 87 -20.44 45.41 37.22
CA GLN B 87 -19.00 45.53 37.02
C GLN B 87 -18.34 44.22 37.43
N LEU B 88 -17.50 43.68 36.55
CA LEU B 88 -16.77 42.45 36.81
C LEU B 88 -15.27 42.68 36.68
N THR B 89 -14.49 41.85 37.36
CA THR B 89 -13.04 41.85 37.23
C THR B 89 -12.54 40.42 37.22
N PHE B 90 -11.70 40.09 36.25
CA PHE B 90 -11.13 38.75 36.16
C PHE B 90 -9.70 38.85 35.65
N GLN B 91 -8.93 37.80 35.93
CA GLN B 91 -7.51 37.74 35.61
C GLN B 91 -7.25 36.54 34.70
N THR B 92 -6.46 36.74 33.65
CA THR B 92 -6.20 35.70 32.68
C THR B 92 -4.99 34.87 33.09
N SER B 93 -4.71 33.82 32.31
CA SER B 93 -3.67 32.88 32.64
C SER B 93 -2.31 33.57 32.76
N SER B 94 -1.45 33.00 33.61
CA SER B 94 -0.09 33.48 33.82
C SER B 94 0.86 32.36 33.42
N PRO B 95 1.21 32.25 32.14
CA PRO B 95 2.05 31.13 31.72
C PRO B 95 3.41 31.15 32.40
N ALA B 96 3.92 29.95 32.72
CA ALA B 96 5.30 29.81 33.15
C ALA B 96 6.27 29.81 31.97
N HIS B 97 5.77 29.51 30.76
CA HIS B 97 6.59 29.47 29.56
C HIS B 97 5.66 29.41 28.36
N LEU B 98 6.17 29.86 27.21
CA LEU B 98 5.43 29.81 25.96
C LEU B 98 6.18 28.94 24.94
N THR B 99 5.43 28.43 23.96
CA THR B 99 5.98 27.60 22.91
C THR B 99 5.29 27.90 21.59
N MET B 100 6.06 27.96 20.51
CA MET B 100 5.55 28.33 19.20
C MET B 100 5.43 27.10 18.32
N PRO B 101 4.26 26.80 17.78
CA PRO B 101 4.14 25.64 16.89
C PRO B 101 4.58 25.96 15.47
N TYR B 102 5.05 24.92 14.78
CA TYR B 102 5.47 25.01 13.40
C TYR B 102 4.88 23.85 12.62
N VAL B 103 4.17 24.15 11.54
CA VAL B 103 3.42 23.16 10.78
C VAL B 103 4.07 22.93 9.42
N MET B 104 4.19 21.66 9.05
CA MET B 104 4.57 21.23 7.71
C MET B 104 3.51 20.27 7.19
N PRO B 105 3.24 20.28 5.88
CA PRO B 105 3.83 21.13 4.84
C PRO B 105 3.30 22.55 4.85
N GLY B 106 3.86 23.41 3.99
CA GLY B 106 3.47 24.80 3.95
C GLY B 106 2.09 25.00 3.37
N ASP B 107 1.49 26.14 3.70
CA ASP B 107 0.16 26.48 3.20
C ASP B 107 0.17 26.60 1.69
N GLY B 108 -0.84 26.02 1.04
CA GLY B 108 -0.99 26.09 -0.39
C GLY B 108 -0.19 25.07 -1.17
N GLU B 109 0.55 24.19 -0.51
CA GLU B 109 1.39 23.24 -1.20
C GLU B 109 0.57 22.06 -1.74
N VAL B 110 1.09 21.44 -2.79
CA VAL B 110 0.56 20.18 -3.32
C VAL B 110 1.60 19.10 -3.02
N VAL B 111 1.19 18.07 -2.30
CA VAL B 111 2.11 17.06 -1.78
C VAL B 111 1.58 15.68 -2.13
N GLY B 112 2.47 14.69 -1.98
CA GLY B 112 2.16 13.33 -2.38
C GLY B 112 1.26 12.61 -1.40
N VAL B 113 0.94 11.37 -1.75
CA VAL B 113 -0.02 10.59 -1.00
C VAL B 113 0.51 10.06 0.32
N GLY B 114 1.79 10.29 0.63
CA GLY B 114 2.38 9.83 1.87
C GLY B 114 2.68 10.93 2.83
N GLU B 115 2.33 12.17 2.54
CA GLU B 115 2.71 13.31 3.35
C GLU B 115 1.91 13.36 4.63
N PRO B 116 2.54 13.22 5.80
CA PRO B 116 1.81 13.38 7.06
C PRO B 116 1.77 14.84 7.49
N VAL B 117 0.74 15.16 8.28
CA VAL B 117 0.66 16.47 8.93
C VAL B 117 1.64 16.47 10.10
N ALA B 118 2.46 17.51 10.19
CA ALA B 118 3.46 17.63 11.24
C ALA B 118 3.26 18.93 11.99
N ILE B 119 3.31 18.86 13.32
CA ILE B 119 3.26 20.02 14.20
C ILE B 119 4.44 19.91 15.16
N ARG B 120 5.42 20.79 15.01
CA ARG B 120 6.64 20.77 15.81
C ARG B 120 6.68 22.01 16.69
N PHE B 121 6.77 21.80 18.00
CA PHE B 121 6.92 22.88 18.96
C PHE B 121 8.39 23.13 19.26
N ASP B 122 8.71 24.36 19.66
CA ASP B 122 10.06 24.72 20.03
C ASP B 122 10.36 24.45 21.51
N GLU B 123 9.46 23.77 22.22
CA GLU B 123 9.69 23.39 23.61
C GLU B 123 9.07 22.02 23.84
N ASN B 124 9.57 21.33 24.87
CA ASN B 124 9.03 20.02 25.22
C ASN B 124 7.59 20.17 25.71
N ILE B 125 6.75 19.20 25.34
CA ILE B 125 5.32 19.23 25.62
C ILE B 125 5.04 18.23 26.72
N ALA B 126 4.59 18.72 27.89
CA ALA B 126 4.35 17.85 29.03
C ALA B 126 3.00 17.16 28.96
N ASP B 127 1.99 17.80 28.37
CA ASP B 127 0.63 17.27 28.28
C ASP B 127 0.31 17.07 26.79
N ARG B 128 0.65 15.90 26.28
CA ARG B 128 0.43 15.64 24.85
C ARG B 128 -1.05 15.62 24.51
N GLY B 129 -1.90 15.20 25.44
CA GLY B 129 -3.32 15.19 25.18
C GLY B 129 -3.87 16.58 24.92
N ALA B 130 -3.44 17.55 25.72
CA ALA B 130 -3.89 18.93 25.51
C ALA B 130 -3.48 19.42 24.13
N ALA B 131 -2.27 19.08 23.69
CA ALA B 131 -1.83 19.47 22.36
C ALA B 131 -2.69 18.85 21.27
N GLU B 132 -2.90 17.53 21.34
CA GLU B 132 -3.73 16.87 20.34
C GLU B 132 -5.13 17.46 20.30
N LYS B 133 -5.72 17.74 21.46
CA LYS B 133 -7.07 18.30 21.49
C LYS B 133 -7.13 19.68 20.87
N ALA B 134 -6.01 20.43 20.91
CA ALA B 134 -5.98 21.78 20.36
C ALA B 134 -5.78 21.82 18.86
N ILE B 135 -5.51 20.69 18.22
CA ILE B 135 -5.19 20.62 16.80
C ILE B 135 -6.38 20.00 16.08
N LYS B 136 -7.06 20.81 15.28
CA LYS B 136 -8.25 20.36 14.55
C LYS B 136 -7.89 20.16 13.09
N ILE B 137 -8.07 18.94 12.61
CA ILE B 137 -7.70 18.57 11.24
C ILE B 137 -8.96 18.16 10.50
N THR B 138 -9.23 18.83 9.38
CA THR B 138 -10.39 18.56 8.54
C THR B 138 -9.92 18.01 7.19
N THR B 139 -10.59 16.96 6.73
CA THR B 139 -10.24 16.31 5.47
C THR B 139 -11.46 16.23 4.57
N ASN B 140 -11.24 16.43 3.28
CA ASN B 140 -12.30 16.32 2.28
C ASN B 140 -11.74 15.67 1.02
N PRO B 141 -12.15 14.44 0.68
CA PRO B 141 -13.17 13.60 1.36
C PRO B 141 -12.78 13.20 2.77
N PRO B 142 -13.76 13.14 3.69
CA PRO B 142 -13.43 12.79 5.07
C PRO B 142 -12.78 11.42 5.17
N VAL B 143 -11.73 11.35 6.00
CA VAL B 143 -10.99 10.10 6.21
C VAL B 143 -10.41 10.15 7.62
N GLU B 144 -10.35 8.99 8.27
CA GLU B 144 -9.90 8.91 9.65
C GLU B 144 -8.38 9.00 9.74
N GLY B 145 -7.90 9.62 10.82
CA GLY B 145 -6.48 9.68 11.11
C GLY B 145 -6.27 9.85 12.60
N ALA B 146 -5.01 9.75 13.01
CA ALA B 146 -4.68 9.75 14.42
C ALA B 146 -3.31 10.39 14.64
N PHE B 147 -3.07 10.83 15.87
CA PHE B 147 -1.83 11.49 16.26
C PHE B 147 -0.83 10.46 16.75
N TYR B 148 0.46 10.76 16.54
CA TYR B 148 1.55 9.95 17.05
C TYR B 148 2.79 10.83 17.15
N TRP B 149 3.51 10.74 18.27
CA TRP B 149 4.65 11.61 18.55
C TRP B 149 5.96 10.94 18.18
N LEU B 150 6.76 11.62 17.35
CA LEU B 150 8.10 11.14 17.00
C LEU B 150 9.10 11.36 18.13
N ASN B 151 8.91 12.43 18.91
CA ASN B 151 9.75 12.77 20.05
C ASN B 151 8.90 13.66 20.97
N ASN B 152 9.54 14.35 21.92
CA ASN B 152 8.81 15.17 22.88
C ASN B 152 8.30 16.49 22.30
N ARG B 153 8.69 16.83 21.07
CA ARG B 153 8.37 18.13 20.50
C ARG B 153 7.60 18.08 19.19
N GLU B 154 7.51 16.94 18.53
CA GLU B 154 6.87 16.86 17.22
C GLU B 154 5.83 15.74 17.20
N VAL B 155 4.65 16.05 16.67
CA VAL B 155 3.54 15.10 16.58
C VAL B 155 3.12 15.01 15.12
N ARG B 156 2.77 13.80 14.70
CA ARG B 156 2.38 13.53 13.31
C ARG B 156 0.95 13.00 13.28
N TRP B 157 0.26 13.29 12.17
CA TRP B 157 -1.14 12.89 11.98
C TRP B 157 -1.33 12.40 10.56
N ARG B 158 -1.87 11.20 10.40
CA ARG B 158 -2.07 10.62 9.08
C ARG B 158 -3.21 9.62 9.15
N PRO B 159 -3.74 9.21 8.00
CA PRO B 159 -4.75 8.15 7.97
C PRO B 159 -4.10 6.77 7.97
N GLU B 160 -4.95 5.75 7.98
CA GLU B 160 -4.46 4.38 7.95
C GLU B 160 -3.76 4.06 6.63
N HIS B 161 -4.41 4.36 5.52
CA HIS B 161 -3.85 4.13 4.20
C HIS B 161 -3.36 5.45 3.60
N PHE B 162 -2.67 5.34 2.48
CA PHE B 162 -2.18 6.53 1.81
C PHE B 162 -3.34 7.45 1.44
N TRP B 163 -3.05 8.75 1.43
CA TRP B 163 -4.05 9.71 0.99
C TRP B 163 -4.59 9.34 -0.37
N LYS B 164 -5.81 9.74 -0.63
CA LYS B 164 -6.36 9.63 -1.98
C LYS B 164 -6.13 10.94 -2.74
N PRO B 165 -5.57 10.90 -3.95
CA PRO B 165 -5.33 12.15 -4.68
C PRO B 165 -6.58 13.02 -4.72
N GLY B 166 -6.37 14.33 -4.66
CA GLY B 166 -7.48 15.26 -4.65
C GLY B 166 -8.12 15.44 -3.30
N THR B 167 -7.42 15.14 -2.22
CA THR B 167 -7.92 15.30 -0.87
C THR B 167 -7.43 16.63 -0.30
N ALA B 168 -8.36 17.40 0.28
CA ALA B 168 -8.03 18.66 0.94
C ALA B 168 -7.76 18.39 2.41
N VAL B 169 -6.66 18.94 2.93
CA VAL B 169 -6.28 18.78 4.32
C VAL B 169 -6.18 20.17 4.94
N ASP B 170 -6.89 20.39 6.04
CA ASP B 170 -6.93 21.67 6.72
C ASP B 170 -6.46 21.47 8.17
N VAL B 171 -5.45 22.22 8.57
CA VAL B 171 -4.84 22.09 9.89
C VAL B 171 -5.09 23.38 10.66
N ALA B 172 -5.74 23.26 11.82
CA ALA B 172 -6.01 24.39 12.70
C ALA B 172 -5.34 24.10 14.03
N VAL B 173 -4.20 24.75 14.27
CA VAL B 173 -3.44 24.58 15.51
C VAL B 173 -3.86 25.72 16.43
N ASN B 174 -4.90 25.48 17.23
CA ASN B 174 -5.49 26.50 18.09
C ASN B 174 -4.95 26.37 19.51
N THR B 175 -3.64 26.61 19.64
CA THR B 175 -2.93 26.43 20.89
C THR B 175 -2.83 27.68 21.74
N TYR B 176 -3.16 28.85 21.19
CA TYR B 176 -3.10 30.08 21.98
C TYR B 176 -4.09 30.00 23.14
N GLY B 177 -3.58 30.23 24.35
CA GLY B 177 -4.42 30.20 25.53
C GLY B 177 -4.69 28.82 26.07
N VAL B 178 -3.93 27.83 25.63
CA VAL B 178 -4.13 26.42 26.03
C VAL B 178 -2.93 26.00 26.87
N ASP B 179 -3.20 25.53 28.09
CA ASP B 179 -2.15 24.99 28.94
C ASP B 179 -1.69 23.65 28.39
N LEU B 180 -0.50 23.62 27.80
CA LEU B 180 0.08 22.40 27.24
C LEU B 180 0.89 21.61 28.26
N GLY B 181 0.78 21.95 29.54
CA GLY B 181 1.44 21.18 30.60
C GLY B 181 2.50 21.97 31.33
N GLU B 182 2.45 21.91 32.66
CA GLU B 182 3.46 22.54 33.51
C GLU B 182 3.58 24.03 33.21
N GLY B 183 2.45 24.66 32.90
CA GLY B 183 2.43 26.09 32.64
C GLY B 183 2.93 26.49 31.28
N MET B 184 3.03 25.54 30.35
CA MET B 184 3.48 25.82 28.98
C MET B 184 2.25 26.12 28.14
N PHE B 185 2.04 27.40 27.84
CA PHE B 185 0.92 27.83 27.03
C PHE B 185 1.38 28.12 25.60
N GLY B 186 0.46 28.01 24.66
CA GLY B 186 0.78 28.25 23.26
C GLY B 186 1.10 29.71 23.02
N GLU B 187 2.18 29.96 22.27
CA GLU B 187 2.57 31.32 21.94
C GLU B 187 1.68 31.94 20.86
N ASP B 188 1.04 31.12 20.03
CA ASP B 188 0.24 31.63 18.93
C ASP B 188 -0.54 30.46 18.34
N ASN B 189 -1.44 30.78 17.42
CA ASN B 189 -2.13 29.79 16.61
C ASN B 189 -1.48 29.68 15.24
N VAL B 190 -1.76 28.58 14.55
CA VAL B 190 -1.27 28.35 13.19
C VAL B 190 -2.39 27.76 12.37
N GLN B 191 -2.48 28.20 11.11
CA GLN B 191 -3.50 27.75 10.17
C GLN B 191 -2.80 27.39 8.86
N THR B 192 -2.94 26.14 8.44
CA THR B 192 -2.30 25.66 7.21
C THR B 192 -3.28 24.78 6.44
N HIS B 193 -3.25 24.91 5.12
CA HIS B 193 -4.11 24.13 4.24
C HIS B 193 -3.31 23.70 3.03
N PHE B 194 -3.48 22.45 2.62
CA PHE B 194 -2.76 21.92 1.46
C PHE B 194 -3.61 20.83 0.81
N THR B 195 -3.17 20.38 -0.36
CA THR B 195 -3.92 19.40 -1.13
C THR B 195 -3.01 18.24 -1.52
N ILE B 196 -3.62 17.07 -1.65
CA ILE B 196 -2.90 15.84 -2.02
C ILE B 196 -2.86 15.74 -3.53
N GLY B 197 -1.67 15.47 -4.07
CA GLY B 197 -1.47 15.38 -5.50
C GLY B 197 -1.54 13.95 -6.01
N ASP B 198 -0.91 13.71 -7.15
CA ASP B 198 -0.94 12.40 -7.77
C ASP B 198 -0.34 11.34 -6.86
N GLU B 199 -0.79 10.10 -7.05
CA GLU B 199 -0.18 8.95 -6.40
C GLU B 199 1.11 8.59 -7.13
N VAL B 200 2.23 8.65 -6.42
CA VAL B 200 3.54 8.38 -7.00
C VAL B 200 4.31 7.48 -6.02
N ILE B 201 4.38 6.19 -6.34
CA ILE B 201 5.07 5.21 -5.49
C ILE B 201 6.19 4.59 -6.30
N ALA B 202 7.40 4.64 -5.76
CA ALA B 202 8.59 4.09 -6.40
C ALA B 202 9.10 2.93 -5.55
N THR B 203 9.17 1.75 -6.16
CA THR B 203 9.53 0.52 -5.47
C THR B 203 10.92 0.06 -5.91
N ALA B 204 11.79 -0.18 -4.95
CA ALA B 204 13.16 -0.63 -5.20
C ALA B 204 13.32 -2.06 -4.69
N ASP B 205 13.29 -3.01 -5.60
CA ASP B 205 13.40 -4.42 -5.24
C ASP B 205 14.86 -4.84 -5.28
N ASP B 206 15.33 -5.45 -4.19
CA ASP B 206 16.72 -5.88 -4.12
C ASP B 206 16.97 -7.13 -4.95
N ASN B 207 15.93 -7.95 -5.18
CA ASN B 207 16.10 -9.12 -6.03
C ASN B 207 16.40 -8.72 -7.47
N THR B 208 15.66 -7.73 -7.99
CA THR B 208 15.89 -7.22 -9.34
C THR B 208 16.82 -6.00 -9.36
N LYS B 209 16.94 -5.30 -8.24
CA LYS B 209 17.78 -4.10 -8.16
C LYS B 209 17.32 -3.04 -9.16
N ILE B 210 16.00 -2.94 -9.33
CA ILE B 210 15.37 -1.96 -10.21
C ILE B 210 14.47 -1.07 -9.37
N LEU B 211 14.54 0.23 -9.63
CA LEU B 211 13.69 1.22 -8.96
C LEU B 211 12.61 1.63 -9.96
N THR B 212 11.41 1.12 -9.76
CA THR B 212 10.29 1.35 -10.66
C THR B 212 9.41 2.46 -10.11
N VAL B 213 9.10 3.45 -10.96
CA VAL B 213 8.27 4.58 -10.59
C VAL B 213 6.91 4.40 -11.23
N ARG B 214 5.86 4.41 -10.42
CA ARG B 214 4.49 4.25 -10.90
C ARG B 214 3.71 5.51 -10.56
N VAL B 215 3.02 6.06 -11.55
CA VAL B 215 2.19 7.25 -11.39
C VAL B 215 0.75 6.82 -11.60
N ASN B 216 -0.05 6.93 -10.55
CA ASN B 216 -1.48 6.58 -10.60
C ASN B 216 -1.67 5.16 -11.15
N GLY B 217 -0.79 4.25 -10.74
CA GLY B 217 -0.89 2.86 -11.09
C GLY B 217 -0.26 2.44 -12.40
N GLU B 218 0.35 3.37 -13.13
CA GLU B 218 0.97 3.08 -14.41
C GLU B 218 2.48 3.29 -14.32
N VAL B 219 3.24 2.31 -14.79
CA VAL B 219 4.69 2.41 -14.77
C VAL B 219 5.13 3.48 -15.75
N VAL B 220 6.04 4.36 -15.31
CA VAL B 220 6.53 5.45 -16.13
C VAL B 220 8.04 5.46 -16.26
N LYS B 221 8.77 4.72 -15.41
CA LYS B 221 10.22 4.77 -15.44
C LYS B 221 10.77 3.58 -14.66
N SER B 222 11.80 2.95 -15.20
CA SER B 222 12.51 1.84 -14.54
C SER B 222 13.98 2.19 -14.49
N MET B 223 14.52 2.36 -13.28
CA MET B 223 15.86 2.88 -13.08
C MET B 223 16.75 1.79 -12.50
N PRO B 224 17.78 1.32 -13.20
CA PRO B 224 18.78 0.46 -12.55
C PRO B 224 19.41 1.21 -11.38
N THR B 225 19.61 0.48 -10.29
CA THR B 225 20.08 1.11 -9.06
C THR B 225 21.02 0.18 -8.31
N SER B 226 21.86 0.80 -7.47
CA SER B 226 22.76 0.08 -6.57
C SER B 226 22.51 0.60 -5.17
N MET B 227 22.08 -0.29 -4.27
CA MET B 227 21.71 0.08 -2.93
C MET B 227 22.87 -0.19 -1.97
N GLY B 228 22.59 -0.12 -0.67
CA GLY B 228 23.65 -0.27 0.32
C GLY B 228 24.25 -1.67 0.32
N LYS B 229 25.57 -1.73 0.46
CA LYS B 229 26.27 -3.00 0.51
C LYS B 229 25.85 -3.79 1.74
N ASP B 230 26.33 -5.04 1.81
CA ASP B 230 25.96 -5.92 2.91
C ASP B 230 26.34 -5.33 4.26
N SER B 231 27.53 -4.72 4.36
CA SER B 231 27.98 -4.19 5.63
C SER B 231 27.17 -2.96 6.05
N THR B 232 26.70 -2.17 5.10
CA THR B 232 25.91 -0.98 5.37
C THR B 232 24.64 -1.02 4.51
N PRO B 233 23.75 -1.96 4.80
CA PRO B 233 22.62 -2.20 3.90
C PRO B 233 21.56 -1.11 4.00
N THR B 234 20.81 -0.98 2.91
CA THR B 234 19.62 -0.13 2.90
C THR B 234 18.47 -0.87 3.58
N ALA B 235 17.84 -0.21 4.55
CA ALA B 235 16.76 -0.84 5.29
C ALA B 235 15.51 -0.95 4.43
N ASN B 236 14.77 -2.04 4.61
CA ASN B 236 13.47 -2.18 3.96
C ASN B 236 12.46 -1.23 4.61
N GLY B 237 11.32 -1.09 3.95
CA GLY B 237 10.20 -0.35 4.47
C GLY B 237 9.77 0.76 3.54
N ILE B 238 8.91 1.63 4.06
CA ILE B 238 8.34 2.74 3.31
C ILE B 238 9.09 4.01 3.68
N TYR B 239 9.37 4.83 2.67
CA TYR B 239 10.04 6.11 2.85
C TYR B 239 9.13 7.22 2.31
N ILE B 240 9.23 8.41 2.90
CA ILE B 240 8.52 9.58 2.43
C ILE B 240 9.54 10.51 1.79
N VAL B 241 9.21 11.03 0.61
CA VAL B 241 10.09 11.96 -0.08
C VAL B 241 10.16 13.26 0.70
N GLY B 242 11.38 13.74 0.94
CA GLY B 242 11.59 14.99 1.64
C GLY B 242 12.00 16.12 0.74
N SER B 243 13.13 16.76 1.03
CA SER B 243 13.60 17.89 0.23
C SER B 243 14.39 17.41 -0.98
N ARG B 244 14.44 18.26 -2.00
CA ARG B 244 15.18 17.99 -3.22
C ARG B 244 16.32 19.00 -3.35
N TYR B 245 17.45 18.54 -3.87
CA TYR B 245 18.64 19.37 -4.00
C TYR B 245 19.30 19.15 -5.35
N LYS B 246 19.50 20.23 -6.10
CA LYS B 246 20.29 20.14 -7.33
C LYS B 246 21.69 19.62 -7.04
N HIS B 247 22.25 20.01 -5.89
CA HIS B 247 23.51 19.45 -5.41
C HIS B 247 23.58 19.69 -3.91
N ILE B 248 24.19 18.75 -3.20
CA ILE B 248 24.27 18.81 -1.74
C ILE B 248 25.49 18.02 -1.28
N ILE B 249 26.14 18.51 -0.23
CA ILE B 249 27.34 17.87 0.30
C ILE B 249 26.94 16.74 1.24
N MET B 250 27.64 15.61 1.12
CA MET B 250 27.50 14.49 2.05
C MET B 250 28.88 14.23 2.64
N ASP B 251 28.97 14.28 3.96
CA ASP B 251 30.25 14.24 4.67
C ASP B 251 30.16 13.25 5.82
N SER B 252 31.04 12.24 5.81
CA SER B 252 31.08 11.27 6.88
C SER B 252 31.57 11.86 8.19
N SER B 253 32.18 13.06 8.16
CA SER B 253 32.63 13.69 9.39
C SER B 253 31.44 14.08 10.28
N THR B 254 30.29 14.40 9.68
CA THR B 254 29.09 14.65 10.47
C THR B 254 28.75 13.45 11.35
N TYR B 255 29.05 12.24 10.86
CA TYR B 255 28.94 11.03 11.66
C TYR B 255 30.28 10.82 12.38
N GLY B 256 30.53 9.61 12.87
CA GLY B 256 31.76 9.39 13.61
C GLY B 256 32.99 9.19 12.76
N VAL B 257 32.81 8.79 11.50
CA VAL B 257 33.94 8.38 10.65
C VAL B 257 34.66 9.60 10.10
N PRO B 258 35.97 9.74 10.34
CA PRO B 258 36.72 10.79 9.64
C PRO B 258 36.84 10.49 8.16
N VAL B 259 37.04 11.55 7.38
CA VAL B 259 37.12 11.41 5.94
C VAL B 259 38.38 10.65 5.53
N ASN B 260 39.48 10.83 6.27
CA ASN B 260 40.72 10.15 5.96
C ASN B 260 40.66 8.65 6.20
N SER B 261 39.63 8.16 6.87
CA SER B 261 39.49 6.73 7.12
C SER B 261 38.95 6.03 5.88
N PRO B 262 39.24 4.74 5.73
CA PRO B 262 38.78 4.03 4.52
C PRO B 262 37.28 4.03 4.36
N ASN B 263 36.53 4.04 5.46
CA ASN B 263 35.07 4.06 5.41
C ASN B 263 34.50 5.47 5.30
N GLY B 264 35.35 6.50 5.22
CA GLY B 264 34.89 7.87 5.15
C GLY B 264 34.66 8.34 3.72
N TYR B 265 34.32 9.61 3.60
CA TYR B 265 34.01 10.21 2.30
C TYR B 265 33.62 11.67 2.50
N ARG B 266 33.81 12.45 1.44
CA ARG B 266 33.30 13.83 1.39
C ARG B 266 33.01 14.13 -0.08
N THR B 267 31.72 14.21 -0.43
CA THR B 267 31.31 14.32 -1.83
C THR B 267 30.15 15.29 -1.96
N ASP B 268 30.11 16.00 -3.09
CA ASP B 268 29.01 16.90 -3.43
C ASP B 268 28.18 16.20 -4.51
N VAL B 269 27.07 15.61 -4.09
CA VAL B 269 26.26 14.75 -4.96
C VAL B 269 25.21 15.59 -5.67
N ASP B 270 24.95 15.26 -6.93
CA ASP B 270 24.00 15.97 -7.76
C ASP B 270 22.63 15.29 -7.73
N TRP B 271 21.59 16.07 -8.01
CA TRP B 271 20.23 15.59 -8.14
C TRP B 271 19.86 14.61 -7.03
N ALA B 272 19.98 15.08 -5.79
CA ALA B 272 19.78 14.26 -4.62
C ALA B 272 18.41 14.55 -4.00
N THR B 273 17.57 13.54 -3.91
CA THR B 273 16.25 13.62 -3.29
C THR B 273 16.27 12.83 -1.99
N GLN B 274 16.05 13.51 -0.87
CA GLN B 274 16.11 12.88 0.44
C GLN B 274 14.83 12.11 0.71
N ILE B 275 14.97 10.94 1.34
CA ILE B 275 13.81 10.12 1.65
C ILE B 275 13.90 9.56 3.06
N SER B 276 14.89 10.00 3.83
CA SER B 276 14.97 9.61 5.23
C SER B 276 15.89 10.58 5.97
N TYR B 277 15.53 10.89 7.21
CA TYR B 277 16.40 11.72 8.05
C TYR B 277 17.76 11.07 8.24
N SER B 278 17.82 9.74 8.16
CA SER B 278 19.06 9.01 8.42
C SER B 278 20.10 9.21 7.32
N GLY B 279 19.73 9.81 6.19
CA GLY B 279 20.68 10.11 5.15
C GLY B 279 20.52 9.31 3.86
N VAL B 280 19.40 8.63 3.69
CA VAL B 280 19.15 7.88 2.46
C VAL B 280 18.62 8.85 1.40
N PHE B 281 19.27 8.86 0.24
CA PHE B 281 18.89 9.72 -0.87
C PHE B 281 18.70 8.90 -2.12
N VAL B 282 18.01 9.50 -3.10
CA VAL B 282 18.03 9.06 -4.48
C VAL B 282 18.82 10.11 -5.24
N HIS B 283 19.99 9.74 -5.74
CA HIS B 283 20.93 10.73 -6.26
C HIS B 283 21.73 10.16 -7.42
N SER B 284 22.34 11.06 -8.18
CA SER B 284 23.23 10.66 -9.26
C SER B 284 24.49 10.04 -8.70
N ALA B 285 24.90 8.91 -9.28
CA ALA B 285 26.08 8.17 -8.84
C ALA B 285 26.81 7.62 -10.05
N PRO B 286 27.57 8.47 -10.76
CA PRO B 286 28.33 7.98 -11.91
C PRO B 286 29.45 7.02 -11.55
N TRP B 287 29.86 6.98 -10.28
CA TRP B 287 30.93 6.08 -9.87
C TRP B 287 30.48 4.64 -9.73
N SER B 288 29.17 4.36 -9.81
CA SER B 288 28.64 3.01 -9.67
C SER B 288 27.70 2.66 -10.81
N VAL B 289 27.80 3.35 -11.94
CA VAL B 289 26.90 3.08 -13.06
C VAL B 289 27.07 1.65 -13.54
N GLY B 290 28.28 1.11 -13.49
CA GLY B 290 28.51 -0.27 -13.90
C GLY B 290 27.90 -1.28 -12.94
N ALA B 291 27.83 -0.93 -11.66
CA ALA B 291 27.24 -1.83 -10.68
C ALA B 291 25.73 -1.66 -10.55
N GLN B 292 25.21 -0.48 -10.88
CA GLN B 292 23.76 -0.25 -10.82
C GLN B 292 23.02 -1.32 -11.61
N GLY B 293 22.09 -1.99 -10.93
CA GLY B 293 21.37 -3.09 -11.51
C GLY B 293 22.02 -4.45 -11.34
N HIS B 294 23.13 -4.53 -10.61
CA HIS B 294 23.84 -5.78 -10.43
C HIS B 294 24.25 -6.00 -8.98
N THR B 295 25.01 -5.05 -8.42
CA THR B 295 25.61 -5.21 -7.11
C THR B 295 25.36 -3.98 -6.26
N ASN B 296 25.37 -4.17 -4.94
CA ASN B 296 25.21 -3.09 -3.98
C ASN B 296 26.59 -2.64 -3.50
N THR B 297 26.80 -1.33 -3.49
CA THR B 297 28.09 -0.77 -3.11
C THR B 297 28.02 0.54 -2.35
N SER B 298 26.82 1.07 -2.08
CA SER B 298 26.69 2.37 -1.45
C SER B 298 26.65 2.24 0.07
N HIS B 299 26.66 3.39 0.75
CA HIS B 299 26.54 3.43 2.20
C HIS B 299 25.09 3.36 2.66
N GLY B 300 24.13 3.20 1.75
CA GLY B 300 22.73 3.13 2.11
C GLY B 300 21.84 3.86 1.12
N CYS B 301 22.43 4.80 0.40
CA CYS B 301 21.70 5.56 -0.55
C CYS B 301 21.31 4.70 -1.75
N LEU B 302 20.34 5.15 -2.53
CA LEU B 302 19.94 4.50 -3.77
C LEU B 302 20.65 5.15 -4.96
N ASN B 303 21.77 4.54 -5.38
CA ASN B 303 22.51 5.06 -6.51
C ASN B 303 21.71 4.88 -7.80
N VAL B 304 21.74 5.89 -8.66
CA VAL B 304 21.13 5.83 -9.98
C VAL B 304 22.00 6.64 -10.94
N SER B 305 21.66 6.56 -12.22
CA SER B 305 22.41 7.28 -13.23
C SER B 305 22.13 8.78 -13.13
N PRO B 306 23.02 9.61 -13.67
CA PRO B 306 22.74 11.06 -13.68
C PRO B 306 21.42 11.39 -14.37
N SER B 307 21.14 10.76 -15.50
CA SER B 307 19.88 11.01 -16.19
C SER B 307 18.69 10.70 -15.30
N ASN B 308 18.69 9.53 -14.66
CA ASN B 308 17.56 9.13 -13.83
C ASN B 308 17.50 9.94 -12.55
N ALA B 309 18.65 10.33 -11.99
CA ALA B 309 18.65 11.15 -10.79
C ALA B 309 17.93 12.47 -11.04
N GLN B 310 18.18 13.09 -12.18
CA GLN B 310 17.48 14.33 -12.52
C GLN B 310 16.02 14.06 -12.83
N TRP B 311 15.73 13.03 -13.64
CA TRP B 311 14.35 12.67 -13.91
C TRP B 311 13.57 12.51 -12.61
N PHE B 312 14.17 11.89 -11.60
CA PHE B 312 13.52 11.71 -10.31
C PHE B 312 13.28 13.07 -9.65
N TYR B 313 14.35 13.85 -9.47
CA TYR B 313 14.23 15.22 -8.99
C TYR B 313 13.08 15.96 -9.66
N ASP B 314 12.98 15.85 -10.99
CA ASP B 314 12.02 16.64 -11.74
C ASP B 314 10.59 16.10 -11.65
N HIS B 315 10.42 14.84 -11.27
CA HIS B 315 9.11 14.20 -11.31
C HIS B 315 8.54 13.77 -9.96
N VAL B 316 9.33 13.81 -8.89
CA VAL B 316 8.86 13.44 -7.57
C VAL B 316 8.75 14.70 -6.72
N LYS B 317 7.73 14.75 -5.88
CA LYS B 317 7.44 15.92 -5.05
C LYS B 317 7.42 15.51 -3.59
N ARG B 318 7.44 16.53 -2.73
CA ARG B 318 7.36 16.30 -1.29
C ARG B 318 6.10 15.49 -0.98
N GLY B 319 6.28 14.38 -0.26
CA GLY B 319 5.19 13.53 0.14
C GLY B 319 5.08 12.23 -0.64
N ASP B 320 5.66 12.16 -1.84
CA ASP B 320 5.66 10.91 -2.60
C ASP B 320 6.35 9.82 -1.79
N ILE B 321 6.18 8.58 -2.24
CA ILE B 321 6.59 7.40 -1.49
C ILE B 321 7.68 6.65 -2.23
N VAL B 322 8.64 6.13 -1.47
CA VAL B 322 9.64 5.19 -1.96
C VAL B 322 9.61 3.97 -1.05
N GLU B 323 9.42 2.79 -1.63
CA GLU B 323 9.33 1.55 -0.87
C GLU B 323 10.47 0.62 -1.28
N VAL B 324 11.16 0.06 -0.28
CA VAL B 324 12.26 -0.87 -0.48
C VAL B 324 11.85 -2.22 0.08
N VAL B 325 12.25 -3.30 -0.62
CA VAL B 325 11.90 -4.65 -0.22
C VAL B 325 13.03 -5.60 -0.58
N ASN B 326 13.09 -6.72 0.14
CA ASN B 326 13.98 -7.85 -0.15
C ASN B 326 15.45 -7.53 0.08
N THR B 327 15.77 -6.46 0.82
CA THR B 327 17.15 -6.20 1.17
C THR B 327 17.57 -7.06 2.36
N VAL B 328 18.89 -7.08 2.62
CA VAL B 328 19.41 -7.85 3.74
C VAL B 328 19.35 -7.09 5.05
N GLY B 329 19.02 -5.81 5.03
CA GLY B 329 18.91 -5.03 6.23
C GLY B 329 17.60 -5.26 6.95
N GLY B 330 17.37 -4.46 7.97
CA GLY B 330 16.14 -4.48 8.71
C GLY B 330 15.09 -3.57 8.12
N THR B 331 14.17 -3.11 8.95
CA THR B 331 13.12 -2.18 8.56
C THR B 331 13.49 -0.77 9.00
N LEU B 332 13.05 0.21 8.23
CA LEU B 332 13.33 1.60 8.56
C LEU B 332 12.61 1.99 9.85
N PRO B 333 13.31 2.61 10.81
CA PRO B 333 12.63 3.05 12.04
C PRO B 333 11.42 3.92 11.74
N GLY B 334 10.33 3.66 12.46
CA GLY B 334 9.10 4.40 12.24
C GLY B 334 9.18 5.85 12.66
N ILE B 335 10.03 6.17 13.64
CA ILE B 335 10.20 7.54 14.10
C ILE B 335 11.45 8.17 13.48
N ASP B 336 11.91 7.67 12.32
CA ASP B 336 13.07 8.26 11.66
C ASP B 336 12.85 9.74 11.37
N GLY B 337 11.63 10.11 11.00
CA GLY B 337 11.34 11.45 10.55
C GLY B 337 10.59 11.43 9.24
N LEU B 338 10.87 10.39 8.43
CA LEU B 338 10.17 10.17 7.17
C LEU B 338 9.71 8.72 7.04
N GLY B 339 9.67 7.98 8.16
CA GLY B 339 9.26 6.60 8.12
C GLY B 339 7.97 6.34 8.86
N ASP B 340 7.10 7.36 8.93
CA ASP B 340 5.88 7.26 9.72
C ASP B 340 5.07 6.02 9.36
N TRP B 341 5.15 5.57 8.10
CA TRP B 341 4.29 4.50 7.63
C TRP B 341 4.74 3.12 8.07
N ASN B 342 5.99 2.98 8.53
CA ASN B 342 6.46 1.68 9.01
C ASN B 342 5.87 1.32 10.37
N ILE B 343 5.11 2.20 10.99
CA ILE B 343 4.43 1.91 12.26
C ILE B 343 3.08 1.29 11.93
N PRO B 344 2.78 0.08 12.37
CA PRO B 344 1.46 -0.50 12.10
C PRO B 344 0.35 0.41 12.59
N TRP B 345 -0.75 0.42 11.83
CA TRP B 345 -1.85 1.34 12.13
C TRP B 345 -2.34 1.19 13.55
N ASP B 346 -2.44 -0.04 14.05
CA ASP B 346 -2.95 -0.23 15.40
C ASP B 346 -2.07 0.48 16.43
N GLN B 347 -0.75 0.37 16.27
CA GLN B 347 0.16 1.08 17.17
C GLN B 347 0.06 2.58 16.95
N TRP B 348 -0.09 3.01 15.69
CA TRP B 348 -0.19 4.43 15.40
C TRP B 348 -1.48 5.01 16.00
N ARG B 349 -2.61 4.34 15.76
CA ARG B 349 -3.89 4.88 16.23
C ARG B 349 -3.92 4.96 17.74
N ALA B 350 -3.30 4.01 18.44
CA ALA B 350 -3.28 4.05 19.90
C ALA B 350 -2.52 5.26 20.42
N GLY B 351 -1.55 5.73 19.66
CA GLY B 351 -0.79 6.92 20.04
C GLY B 351 0.13 6.67 21.21
N ASN B 352 0.84 7.71 21.59
CA ASN B 352 1.74 7.69 22.75
C ASN B 352 1.57 8.93 23.60
N ALA B 353 0.36 9.48 23.65
CA ALA B 353 0.09 10.64 24.51
C ALA B 353 0.22 10.28 25.98
N LYS B 354 -0.05 9.02 26.34
CA LYS B 354 0.05 8.55 27.71
C LYS B 354 -0.85 9.37 28.63
#